data_6TZS
# 
_entry.id   6TZS 
# 
_audit_conform.dict_name       mmcif_pdbx.dic 
_audit_conform.dict_version    5.387 
_audit_conform.dict_location   http://mmcif.pdb.org/dictionaries/ascii/mmcif_pdbx.dic 
# 
loop_
_database_2.database_id 
_database_2.database_code 
_database_2.pdbx_database_accession 
_database_2.pdbx_DOI 
PDB   6TZS         pdb_00006tzs 10.2210/pdb6tzs/pdb 
WWPDB D_1000243623 ?            ?                   
# 
loop_
_pdbx_audit_revision_history.ordinal 
_pdbx_audit_revision_history.data_content_type 
_pdbx_audit_revision_history.major_revision 
_pdbx_audit_revision_history.minor_revision 
_pdbx_audit_revision_history.revision_date 
1 'Structure model' 1 0 2019-10-16 
2 'Structure model' 1 1 2019-11-27 
3 'Structure model' 1 2 2019-12-25 
4 'Structure model' 1 3 2024-03-13 
# 
_pdbx_audit_revision_details.ordinal             1 
_pdbx_audit_revision_details.revision_ordinal    1 
_pdbx_audit_revision_details.data_content_type   'Structure model' 
_pdbx_audit_revision_details.provider            repository 
_pdbx_audit_revision_details.type                'Initial release' 
_pdbx_audit_revision_details.description         ? 
_pdbx_audit_revision_details.details             ? 
# 
loop_
_pdbx_audit_revision_group.ordinal 
_pdbx_audit_revision_group.revision_ordinal 
_pdbx_audit_revision_group.data_content_type 
_pdbx_audit_revision_group.group 
1 2 'Structure model' 'Author supporting evidence' 
2 2 'Structure model' 'Database references'        
3 3 'Structure model' 'Database references'        
4 4 'Structure model' 'Data collection'            
5 4 'Structure model' 'Database references'        
# 
loop_
_pdbx_audit_revision_category.ordinal 
_pdbx_audit_revision_category.revision_ordinal 
_pdbx_audit_revision_category.data_content_type 
_pdbx_audit_revision_category.category 
1 2 'Structure model' citation           
2 2 'Structure model' citation_author    
3 2 'Structure model' pdbx_audit_support 
4 3 'Structure model' citation           
5 4 'Structure model' chem_comp_atom     
6 4 'Structure model' chem_comp_bond     
7 4 'Structure model' database_2         
# 
loop_
_pdbx_audit_revision_item.ordinal 
_pdbx_audit_revision_item.revision_ordinal 
_pdbx_audit_revision_item.data_content_type 
_pdbx_audit_revision_item.item 
1  2 'Structure model' '_citation.country'                        
2  2 'Structure model' '_citation.journal_abbrev'                 
3  2 'Structure model' '_citation.journal_id_ASTM'                
4  2 'Structure model' '_citation.journal_id_CSD'                 
5  2 'Structure model' '_citation.journal_id_ISSN'                
6  2 'Structure model' '_citation.pdbx_database_id_DOI'           
7  2 'Structure model' '_citation.pdbx_database_id_PubMed'        
8  2 'Structure model' '_citation.year'                           
9  2 'Structure model' '_citation_author.identifier_ORCID'        
10 2 'Structure model' '_pdbx_audit_support.funding_organization' 
11 3 'Structure model' '_citation.journal_volume'                 
12 3 'Structure model' '_citation.page_first'                     
13 3 'Structure model' '_citation.page_last'                      
14 4 'Structure model' '_database_2.pdbx_DOI'                     
15 4 'Structure model' '_database_2.pdbx_database_accession'      
# 
_pdbx_database_status.status_code                     REL 
_pdbx_database_status.status_code_sf                  REL 
_pdbx_database_status.status_code_mr                  ? 
_pdbx_database_status.entry_id                        6TZS 
_pdbx_database_status.recvd_initial_deposition_date   2019-08-13 
_pdbx_database_status.SG_entry                        N 
_pdbx_database_status.deposit_site                    RCSB 
_pdbx_database_status.process_site                    RCSB 
_pdbx_database_status.status_code_cs                  ? 
_pdbx_database_status.methods_development_category    ? 
_pdbx_database_status.pdb_format_compatible           Y 
_pdbx_database_status.status_code_nmr_data            ? 
# 
loop_
_audit_author.name 
_audit_author.pdbx_ordinal 
_audit_author.identifier_ORCID 
'Chu, B.'          1 0000-0002-9429-8893 
'Paukstelis, P.J.' 2 0000-0001-8536-4361 
# 
_citation.abstract                  ? 
_citation.abstract_id_CAS           ? 
_citation.book_id_ISBN              ? 
_citation.book_publisher            ? 
_citation.book_publisher_city       ? 
_citation.book_title                ? 
_citation.coordinate_linkage        ? 
_citation.country                   UK 
_citation.database_id_Medline       ? 
_citation.details                   ? 
_citation.id                        primary 
_citation.journal_abbrev            'Nucleic Acids Res.' 
_citation.journal_id_ASTM           NARHAD 
_citation.journal_id_CSD            0389 
_citation.journal_id_ISSN           1362-4962 
_citation.journal_full              ? 
_citation.journal_issue             ? 
_citation.journal_volume            47 
_citation.language                  ? 
_citation.page_first                11921 
_citation.page_last                 11930 
_citation.title                     'A DNA G-quadruplex/i-motif hybrid.' 
_citation.year                      2019 
_citation.database_id_CSD           ? 
_citation.pdbx_database_id_DOI      10.1093/nar/gkz1008 
_citation.pdbx_database_id_PubMed   31724696 
_citation.unpublished_flag          ? 
# 
loop_
_citation_author.citation_id 
_citation_author.name 
_citation_author.ordinal 
_citation_author.identifier_ORCID 
primary 'Chu, B.'          1 ? 
primary 'Zhang, D.'        2 ? 
primary 'Paukstelis, P.J.' 3 ? 
# 
loop_
_entity.id 
_entity.type 
_entity.src_method 
_entity.pdbx_description 
_entity.formula_weight 
_entity.pdbx_number_of_molecules 
_entity.pdbx_ec 
_entity.pdbx_mutation 
_entity.pdbx_fragment 
_entity.details 
1 polymer syn 
;DNA (5'-D(*CP*CP*AP*GP*GP*CP*TP*GP*(CBR)P*AP*A)-3')
;
3422.096 2 ? ? ? ? 
2 water   nat water                                                 18.015   7 ? ? ? ? 
# 
_entity_poly.entity_id                      1 
_entity_poly.type                           polydeoxyribonucleotide 
_entity_poly.nstd_linkage                   no 
_entity_poly.nstd_monomer                   yes 
_entity_poly.pdbx_seq_one_letter_code       '(DC)(DC)(DA)(DG)(DG)(DC)(DT)(DG)(CBR)(DA)(DA)' 
_entity_poly.pdbx_seq_one_letter_code_can   CCAGGCTGCAA 
_entity_poly.pdbx_strand_id                 A,B 
_entity_poly.pdbx_target_identifier         ? 
# 
_pdbx_entity_nonpoly.entity_id   2 
_pdbx_entity_nonpoly.name        water 
_pdbx_entity_nonpoly.comp_id     HOH 
# 
loop_
_entity_poly_seq.entity_id 
_entity_poly_seq.num 
_entity_poly_seq.mon_id 
_entity_poly_seq.hetero 
1 1  DC  n 
1 2  DC  n 
1 3  DA  n 
1 4  DG  n 
1 5  DG  n 
1 6  DC  n 
1 7  DT  n 
1 8  DG  n 
1 9  CBR n 
1 10 DA  n 
1 11 DA  n 
# 
_pdbx_entity_src_syn.entity_id              1 
_pdbx_entity_src_syn.pdbx_src_id            1 
_pdbx_entity_src_syn.pdbx_alt_source_flag   sample 
_pdbx_entity_src_syn.pdbx_beg_seq_num       1 
_pdbx_entity_src_syn.pdbx_end_seq_num       11 
_pdbx_entity_src_syn.organism_scientific    'synthetic construct' 
_pdbx_entity_src_syn.organism_common_name   ? 
_pdbx_entity_src_syn.ncbi_taxonomy_id       32630 
_pdbx_entity_src_syn.details                ? 
# 
loop_
_chem_comp.id 
_chem_comp.type 
_chem_comp.mon_nstd_flag 
_chem_comp.name 
_chem_comp.pdbx_synonyms 
_chem_comp.formula 
_chem_comp.formula_weight 
CBR 'DNA linking' n "5-BROMO-2'-DEOXY-CYTIDINE-5'-MONOPHOSPHATE" ? 'C9 H13 Br N3 O7 P' 386.093 
DA  'DNA linking' y "2'-DEOXYADENOSINE-5'-MONOPHOSPHATE"         ? 'C10 H14 N5 O6 P'   331.222 
DC  'DNA linking' y "2'-DEOXYCYTIDINE-5'-MONOPHOSPHATE"          ? 'C9 H14 N3 O7 P'    307.197 
DG  'DNA linking' y "2'-DEOXYGUANOSINE-5'-MONOPHOSPHATE"         ? 'C10 H14 N5 O7 P'   347.221 
DT  'DNA linking' y "THYMIDINE-5'-MONOPHOSPHATE"                 ? 'C10 H15 N2 O8 P'   322.208 
HOH non-polymer   . WATER                                        ? 'H2 O'              18.015  
# 
loop_
_pdbx_poly_seq_scheme.asym_id 
_pdbx_poly_seq_scheme.entity_id 
_pdbx_poly_seq_scheme.seq_id 
_pdbx_poly_seq_scheme.mon_id 
_pdbx_poly_seq_scheme.ndb_seq_num 
_pdbx_poly_seq_scheme.pdb_seq_num 
_pdbx_poly_seq_scheme.auth_seq_num 
_pdbx_poly_seq_scheme.pdb_mon_id 
_pdbx_poly_seq_scheme.auth_mon_id 
_pdbx_poly_seq_scheme.pdb_strand_id 
_pdbx_poly_seq_scheme.pdb_ins_code 
_pdbx_poly_seq_scheme.hetero 
A 1 1  DC  1  1  1  DC  DC  A . n 
A 1 2  DC  2  2  2  DC  DC  A . n 
A 1 3  DA  3  3  3  DA  DA  A . n 
A 1 4  DG  4  4  4  DG  DG  A . n 
A 1 5  DG  5  5  5  DG  DG  A . n 
A 1 6  DC  6  6  6  DC  DC  A . n 
A 1 7  DT  7  7  7  DT  DT  A . n 
A 1 8  DG  8  8  8  DG  DG  A . n 
A 1 9  CBR 9  9  9  CBR CBR A . n 
A 1 10 DA  10 10 10 DA  DA  A . n 
A 1 11 DA  11 11 11 DA  DA  A . n 
B 1 1  DC  1  1  1  DC  DC  B . n 
B 1 2  DC  2  2  2  DC  DC  B . n 
B 1 3  DA  3  3  3  DA  DA  B . n 
B 1 4  DG  4  4  4  DG  DG  B . n 
B 1 5  DG  5  5  5  DG  DG  B . n 
B 1 6  DC  6  6  6  DC  DC  B . n 
B 1 7  DT  7  7  7  DT  DT  B . n 
B 1 8  DG  8  8  8  DG  DG  B . n 
B 1 9  CBR 9  9  9  CBR CBR B . n 
B 1 10 DA  10 10 10 DA  DA  B . n 
B 1 11 DA  11 11 11 DA  DA  B . n 
# 
loop_
_pdbx_nonpoly_scheme.asym_id 
_pdbx_nonpoly_scheme.entity_id 
_pdbx_nonpoly_scheme.mon_id 
_pdbx_nonpoly_scheme.ndb_seq_num 
_pdbx_nonpoly_scheme.pdb_seq_num 
_pdbx_nonpoly_scheme.auth_seq_num 
_pdbx_nonpoly_scheme.pdb_mon_id 
_pdbx_nonpoly_scheme.auth_mon_id 
_pdbx_nonpoly_scheme.pdb_strand_id 
_pdbx_nonpoly_scheme.pdb_ins_code 
C 2 HOH 1 101 2 HOH HOH A . 
C 2 HOH 2 102 5 HOH HOH A . 
D 2 HOH 1 101 4 HOH HOH B . 
D 2 HOH 2 102 1 HOH HOH B . 
D 2 HOH 3 103 6 HOH HOH B . 
D 2 HOH 4 104 3 HOH HOH B . 
D 2 HOH 5 105 7 HOH HOH B . 
# 
loop_
_software.citation_id 
_software.classification 
_software.compiler_name 
_software.compiler_version 
_software.contact_author 
_software.contact_author_email 
_software.date 
_software.description 
_software.dependencies 
_software.hardware 
_software.language 
_software.location 
_software.mods 
_software.name 
_software.os 
_software.os_version 
_software.type 
_software.version 
_software.pdbx_ordinal 
? 'data scaling'    ? ? ? ? ? ? ? ? ? ? ? Aimless     ? ? ? 0.7.4    1 
? refinement        ? ? ? ? ? ? ? ? ? ? ? REFMAC      ? ? ? 5.8.0253 2 
? 'data extraction' ? ? ? ? ? ? ? ? ? ? ? PDB_EXTRACT ? ? ? 3.25     3 
? 'data reduction'  ? ? ? ? ? ? ? ? ? ? ? MOSFLM      ? ? ? .        4 
? phasing           ? ? ? ? ? ? ? ? ? ? ? CRANK2      ? ? ? .        5 
# 
_cell.angle_alpha                  90.000 
_cell.angle_alpha_esd              ? 
_cell.angle_beta                   90.000 
_cell.angle_beta_esd               ? 
_cell.angle_gamma                  90.000 
_cell.angle_gamma_esd              ? 
_cell.entry_id                     6TZS 
_cell.details                      ? 
_cell.formula_units_Z              ? 
_cell.length_a                     51.520 
_cell.length_a_esd                 ? 
_cell.length_b                     51.520 
_cell.length_b_esd                 ? 
_cell.length_c                     111.610 
_cell.length_c_esd                 ? 
_cell.volume                       ? 
_cell.volume_esd                   ? 
_cell.Z_PDB                        32 
_cell.reciprocal_angle_alpha       ? 
_cell.reciprocal_angle_beta        ? 
_cell.reciprocal_angle_gamma       ? 
_cell.reciprocal_angle_alpha_esd   ? 
_cell.reciprocal_angle_beta_esd    ? 
_cell.reciprocal_angle_gamma_esd   ? 
_cell.reciprocal_length_a          ? 
_cell.reciprocal_length_b          ? 
_cell.reciprocal_length_c          ? 
_cell.reciprocal_length_a_esd      ? 
_cell.reciprocal_length_b_esd      ? 
_cell.reciprocal_length_c_esd      ? 
_cell.pdbx_unique_axis             ? 
# 
_symmetry.entry_id                         6TZS 
_symmetry.cell_setting                     ? 
_symmetry.Int_Tables_number                98 
_symmetry.space_group_name_Hall            ? 
_symmetry.space_group_name_H-M             'I 41 2 2' 
_symmetry.pdbx_full_space_group_name_H-M   ? 
# 
_exptl.absorpt_coefficient_mu     ? 
_exptl.absorpt_correction_T_max   ? 
_exptl.absorpt_correction_T_min   ? 
_exptl.absorpt_correction_type    ? 
_exptl.absorpt_process_details    ? 
_exptl.entry_id                   6TZS 
_exptl.crystals_number            1 
_exptl.details                    ? 
_exptl.method                     'X-RAY DIFFRACTION' 
_exptl.method_details             ? 
# 
_exptl_crystal.colour                      ? 
_exptl_crystal.density_diffrn              ? 
_exptl_crystal.density_Matthews            2.71 
_exptl_crystal.density_method              ? 
_exptl_crystal.density_percent_sol         54.53 
_exptl_crystal.description                 ? 
_exptl_crystal.F_000                       ? 
_exptl_crystal.id                          1 
_exptl_crystal.preparation                 ? 
_exptl_crystal.size_max                    ? 
_exptl_crystal.size_mid                    ? 
_exptl_crystal.size_min                    ? 
_exptl_crystal.size_rad                    ? 
_exptl_crystal.colour_lustre               ? 
_exptl_crystal.colour_modifier             ? 
_exptl_crystal.colour_primary              ? 
_exptl_crystal.density_meas                ? 
_exptl_crystal.density_meas_esd            ? 
_exptl_crystal.density_meas_gt             ? 
_exptl_crystal.density_meas_lt             ? 
_exptl_crystal.density_meas_temp           ? 
_exptl_crystal.density_meas_temp_esd       ? 
_exptl_crystal.density_meas_temp_gt        ? 
_exptl_crystal.density_meas_temp_lt        ? 
_exptl_crystal.pdbx_crystal_image_url      ? 
_exptl_crystal.pdbx_crystal_image_format   ? 
_exptl_crystal.pdbx_mosaicity              ? 
_exptl_crystal.pdbx_mosaicity_esd          ? 
# 
_exptl_crystal_grow.apparatus       ? 
_exptl_crystal_grow.atmosphere      ? 
_exptl_crystal_grow.crystal_id      1 
_exptl_crystal_grow.details         ? 
_exptl_crystal_grow.method          'VAPOR DIFFUSION, SITTING DROP' 
_exptl_crystal_grow.method_ref      ? 
_exptl_crystal_grow.pH              5.5 
_exptl_crystal_grow.pressure        ? 
_exptl_crystal_grow.pressure_esd    ? 
_exptl_crystal_grow.seeding         ? 
_exptl_crystal_grow.seeding_ref     ? 
_exptl_crystal_grow.temp            295 
_exptl_crystal_grow.temp_details    ? 
_exptl_crystal_grow.temp_esd        ? 
_exptl_crystal_grow.time            ? 
_exptl_crystal_grow.pdbx_details    
'15% MPD, 120 mM calcium chloride, 20 mM lithium chloride, 8 mM spermidine, 30 mM sodium cacodylate; Equilibrated against 20% MPD' 
_exptl_crystal_grow.pdbx_pH_range   ? 
# 
_diffrn.ambient_environment              ? 
_diffrn.ambient_temp                     100 
_diffrn.ambient_temp_details             ? 
_diffrn.ambient_temp_esd                 ? 
_diffrn.crystal_id                       1 
_diffrn.crystal_support                  ? 
_diffrn.crystal_treatment                ? 
_diffrn.details                          ? 
_diffrn.id                               1 
_diffrn.ambient_pressure                 ? 
_diffrn.ambient_pressure_esd             ? 
_diffrn.ambient_pressure_gt              ? 
_diffrn.ambient_pressure_lt              ? 
_diffrn.ambient_temp_gt                  ? 
_diffrn.ambient_temp_lt                  ? 
_diffrn.pdbx_serial_crystal_experiment   N 
# 
_diffrn_detector.details                      ? 
_diffrn_detector.detector                     CCD 
_diffrn_detector.diffrn_id                    1 
_diffrn_detector.type                         'MARMOSAIC 225 mm CCD' 
_diffrn_detector.area_resol_mean              ? 
_diffrn_detector.dtime                        ? 
_diffrn_detector.pdbx_frames_total            ? 
_diffrn_detector.pdbx_collection_time_total   ? 
_diffrn_detector.pdbx_collection_date         2016-10-23 
_diffrn_detector.pdbx_frequency               ? 
# 
_diffrn_radiation.collimation                      ? 
_diffrn_radiation.diffrn_id                        1 
_diffrn_radiation.filter_edge                      ? 
_diffrn_radiation.inhomogeneity                    ? 
_diffrn_radiation.monochromator                    ? 
_diffrn_radiation.polarisn_norm                    ? 
_diffrn_radiation.polarisn_ratio                   ? 
_diffrn_radiation.probe                            ? 
_diffrn_radiation.type                             ? 
_diffrn_radiation.xray_symbol                      ? 
_diffrn_radiation.wavelength_id                    1 
_diffrn_radiation.pdbx_monochromatic_or_laue_m_l   M 
_diffrn_radiation.pdbx_wavelength_list             ? 
_diffrn_radiation.pdbx_wavelength                  ? 
_diffrn_radiation.pdbx_diffrn_protocol             'SINGLE WAVELENGTH' 
_diffrn_radiation.pdbx_analyzer                    ? 
_diffrn_radiation.pdbx_scattering_type             x-ray 
# 
_diffrn_radiation_wavelength.id           1 
_diffrn_radiation_wavelength.wavelength   0.9187 
_diffrn_radiation_wavelength.wt           1.0 
# 
_diffrn_source.current                     ? 
_diffrn_source.details                     ? 
_diffrn_source.diffrn_id                   1 
_diffrn_source.power                       ? 
_diffrn_source.size                        ? 
_diffrn_source.source                      SYNCHROTRON 
_diffrn_source.target                      ? 
_diffrn_source.type                        'APS BEAMLINE 22-BM' 
_diffrn_source.voltage                     ? 
_diffrn_source.take-off_angle              ? 
_diffrn_source.pdbx_wavelength_list        0.9187 
_diffrn_source.pdbx_wavelength             ? 
_diffrn_source.pdbx_synchrotron_beamline   22-BM 
_diffrn_source.pdbx_synchrotron_site       APS 
# 
_reflns.B_iso_Wilson_estimate            ? 
_reflns.entry_id                         6TZS 
_reflns.data_reduction_details           ? 
_reflns.data_reduction_method            ? 
_reflns.d_resolution_high                2.600 
_reflns.d_resolution_low                 55.800 
_reflns.details                          ? 
_reflns.limit_h_max                      ? 
_reflns.limit_h_min                      ? 
_reflns.limit_k_max                      ? 
_reflns.limit_k_min                      ? 
_reflns.limit_l_max                      ? 
_reflns.limit_l_min                      ? 
_reflns.number_all                       ? 
_reflns.number_obs                       2540 
_reflns.observed_criterion               ? 
_reflns.observed_criterion_F_max         ? 
_reflns.observed_criterion_F_min         ? 
_reflns.observed_criterion_I_max         ? 
_reflns.observed_criterion_I_min         ? 
_reflns.observed_criterion_sigma_F       ? 
_reflns.observed_criterion_sigma_I       ? 
_reflns.percent_possible_obs             100.000 
_reflns.R_free_details                   ? 
_reflns.Rmerge_F_all                     ? 
_reflns.Rmerge_F_obs                     ? 
_reflns.Friedel_coverage                 ? 
_reflns.number_gt                        ? 
_reflns.threshold_expression             ? 
_reflns.pdbx_redundancy                  12.200 
_reflns.pdbx_Rmerge_I_obs                0.170 
_reflns.pdbx_Rmerge_I_all                ? 
_reflns.pdbx_Rsym_value                  ? 
_reflns.pdbx_netI_over_av_sigmaI         ? 
_reflns.pdbx_netI_over_sigmaI            11.500 
_reflns.pdbx_res_netI_over_av_sigmaI_2   ? 
_reflns.pdbx_res_netI_over_sigmaI_2      ? 
_reflns.pdbx_chi_squared                 ? 
_reflns.pdbx_scaling_rejects             36 
_reflns.pdbx_d_res_high_opt              ? 
_reflns.pdbx_d_res_low_opt               ? 
_reflns.pdbx_d_res_opt_method            ? 
_reflns.phase_calculation_details        ? 
_reflns.pdbx_Rrim_I_all                  0.182 
_reflns.pdbx_Rpim_I_all                  0.058 
_reflns.pdbx_d_opt                       ? 
_reflns.pdbx_number_measured_all         30879 
_reflns.pdbx_diffrn_id                   1 
_reflns.pdbx_ordinal                     1 
_reflns.pdbx_CC_half                     0.743 
_reflns.pdbx_R_split                     ? 
# 
_reflns_shell.d_res_high                  2.600 
_reflns_shell.d_res_low                   2.720 
_reflns_shell.meanI_over_sigI_all         ? 
_reflns_shell.meanI_over_sigI_obs         ? 
_reflns_shell.number_measured_all         3740 
_reflns_shell.number_measured_obs         ? 
_reflns_shell.number_possible             ? 
_reflns_shell.number_unique_all           ? 
_reflns_shell.number_unique_obs           294 
_reflns_shell.percent_possible_all        100.000 
_reflns_shell.percent_possible_obs        ? 
_reflns_shell.Rmerge_F_all                ? 
_reflns_shell.Rmerge_F_obs                ? 
_reflns_shell.Rmerge_I_all                ? 
_reflns_shell.Rmerge_I_obs                1.820 
_reflns_shell.meanI_over_sigI_gt          ? 
_reflns_shell.meanI_over_uI_all           ? 
_reflns_shell.meanI_over_uI_gt            ? 
_reflns_shell.number_measured_gt          ? 
_reflns_shell.number_unique_gt            ? 
_reflns_shell.percent_possible_gt         ? 
_reflns_shell.Rmerge_F_gt                 ? 
_reflns_shell.Rmerge_I_gt                 ? 
_reflns_shell.pdbx_redundancy             12.700 
_reflns_shell.pdbx_Rsym_value             ? 
_reflns_shell.pdbx_chi_squared            ? 
_reflns_shell.pdbx_netI_over_sigmaI_all   ? 
_reflns_shell.pdbx_netI_over_sigmaI_obs   1.200 
_reflns_shell.pdbx_Rrim_I_all             1.895 
_reflns_shell.pdbx_Rpim_I_all             0.526 
_reflns_shell.pdbx_rejects                ? 
_reflns_shell.pdbx_ordinal                1 
_reflns_shell.pdbx_diffrn_id              1 
_reflns_shell.pdbx_CC_half                0.233 
_reflns_shell.pdbx_R_split                ? 
# 
_refine.aniso_B[1][1]                            0.0500 
_refine.aniso_B[1][2]                            -0.0000 
_refine.aniso_B[1][3]                            0.0000 
_refine.aniso_B[2][2]                            0.0500 
_refine.aniso_B[2][3]                            0.0000 
_refine.aniso_B[3][3]                            -0.1100 
_refine.B_iso_max                                94.190 
_refine.B_iso_mean                               46.8730 
_refine.B_iso_min                                17.390 
_refine.correlation_coeff_Fo_to_Fc               0.9230 
_refine.correlation_coeff_Fo_to_Fc_free          0.8220 
_refine.details                                  
'HYDROGENS HAVE BEEN ADDED IN THE RIDING POSITIONS U VALUES      : REFINED INDIVIDUALLY' 
_refine.diff_density_max                         ? 
_refine.diff_density_max_esd                     ? 
_refine.diff_density_min                         ? 
_refine.diff_density_min_esd                     ? 
_refine.diff_density_rms                         ? 
_refine.diff_density_rms_esd                     ? 
_refine.entry_id                                 6TZS 
_refine.pdbx_refine_id                           'X-RAY DIFFRACTION' 
_refine.ls_abs_structure_details                 ? 
_refine.ls_abs_structure_Flack                   ? 
_refine.ls_abs_structure_Flack_esd               ? 
_refine.ls_abs_structure_Rogers                  ? 
_refine.ls_abs_structure_Rogers_esd              ? 
_refine.ls_d_res_high                            2.6000 
_refine.ls_d_res_low                             46.7800 
_refine.ls_extinction_coef                       ? 
_refine.ls_extinction_coef_esd                   ? 
_refine.ls_extinction_expression                 ? 
_refine.ls_extinction_method                     ? 
_refine.ls_goodness_of_fit_all                   ? 
_refine.ls_goodness_of_fit_all_esd               ? 
_refine.ls_goodness_of_fit_obs                   ? 
_refine.ls_goodness_of_fit_obs_esd               ? 
_refine.ls_hydrogen_treatment                    ? 
_refine.ls_matrix_type                           ? 
_refine.ls_number_constraints                    ? 
_refine.ls_number_parameters                     ? 
_refine.ls_number_reflns_all                     ? 
_refine.ls_number_reflns_obs                     2272 
_refine.ls_number_reflns_R_free                  254 
_refine.ls_number_reflns_R_work                  ? 
_refine.ls_number_restraints                     ? 
_refine.ls_percent_reflns_obs                    100.0000 
_refine.ls_percent_reflns_R_free                 10.1000 
_refine.ls_R_factor_all                          ? 
_refine.ls_R_factor_obs                          0.2727 
_refine.ls_R_factor_R_free                       0.3165 
_refine.ls_R_factor_R_free_error                 ? 
_refine.ls_R_factor_R_free_error_details         ? 
_refine.ls_R_factor_R_work                       0.2665 
_refine.ls_R_Fsqd_factor_obs                     ? 
_refine.ls_R_I_factor_obs                        ? 
_refine.ls_redundancy_reflns_all                 ? 
_refine.ls_redundancy_reflns_obs                 ? 
_refine.ls_restrained_S_all                      ? 
_refine.ls_restrained_S_obs                      ? 
_refine.ls_shift_over_esd_max                    ? 
_refine.ls_shift_over_esd_mean                   ? 
_refine.ls_structure_factor_coef                 ? 
_refine.ls_weighting_details                     ? 
_refine.ls_weighting_scheme                      ? 
_refine.ls_wR_factor_all                         ? 
_refine.ls_wR_factor_obs                         ? 
_refine.ls_wR_factor_R_free                      ? 
_refine.ls_wR_factor_R_work                      ? 
_refine.occupancy_max                            ? 
_refine.occupancy_min                            ? 
_refine.solvent_model_details                    ? 
_refine.solvent_model_param_bsol                 ? 
_refine.solvent_model_param_ksol                 ? 
_refine.ls_R_factor_gt                           ? 
_refine.ls_goodness_of_fit_gt                    ? 
_refine.ls_goodness_of_fit_ref                   ? 
_refine.ls_shift_over_su_max                     ? 
_refine.ls_shift_over_su_max_lt                  ? 
_refine.ls_shift_over_su_mean                    ? 
_refine.ls_shift_over_su_mean_lt                 ? 
_refine.pdbx_ls_sigma_I                          ? 
_refine.pdbx_ls_sigma_F                          0.000 
_refine.pdbx_ls_sigma_Fsqd                       ? 
_refine.pdbx_data_cutoff_high_absF               ? 
_refine.pdbx_data_cutoff_high_rms_absF           ? 
_refine.pdbx_data_cutoff_low_absF                ? 
_refine.pdbx_isotropic_thermal_model             ? 
_refine.pdbx_ls_cross_valid_method               THROUGHOUT 
_refine.pdbx_method_to_determine_struct          SAD 
_refine.pdbx_starting_model                      ? 
_refine.pdbx_stereochemistry_target_values       ? 
_refine.pdbx_R_Free_selection_details            RANDOM 
_refine.pdbx_stereochem_target_val_spec_case     ? 
_refine.pdbx_overall_ESU_R                       0.7100 
_refine.pdbx_overall_ESU_R_Free                  0.4040 
_refine.pdbx_solvent_vdw_probe_radii             1.0000 
_refine.pdbx_solvent_ion_probe_radii             0.9000 
_refine.pdbx_solvent_shrinkage_radii             0.9000 
_refine.pdbx_real_space_R                        ? 
_refine.pdbx_density_correlation                 ? 
_refine.pdbx_pd_number_of_powder_patterns        ? 
_refine.pdbx_pd_number_of_points                 ? 
_refine.pdbx_pd_meas_number_of_points            ? 
_refine.pdbx_pd_proc_ls_prof_R_factor            ? 
_refine.pdbx_pd_proc_ls_prof_wR_factor           ? 
_refine.pdbx_pd_Marquardt_correlation_coeff      ? 
_refine.pdbx_pd_Fsqrd_R_factor                   ? 
_refine.pdbx_pd_ls_matrix_band_width             ? 
_refine.pdbx_overall_phase_error                 ? 
_refine.pdbx_overall_SU_R_free_Cruickshank_DPI   ? 
_refine.pdbx_overall_SU_R_free_Blow_DPI          ? 
_refine.pdbx_overall_SU_R_Blow_DPI               ? 
_refine.pdbx_TLS_residual_ADP_flag               ? 
_refine.pdbx_diffrn_id                           1 
_refine.overall_SU_B                             17.5680 
_refine.overall_SU_ML                            0.3570 
_refine.overall_SU_R_Cruickshank_DPI             ? 
_refine.overall_SU_R_free                        ? 
_refine.overall_FOM_free_R_set                   ? 
_refine.overall_FOM_work_R_set                   ? 
_refine.pdbx_average_fsc_overall                 ? 
_refine.pdbx_average_fsc_work                    ? 
_refine.pdbx_average_fsc_free                    ? 
# 
_refine_hist.pdbx_refine_id                   'X-RAY DIFFRACTION' 
_refine_hist.cycle_id                         final 
_refine_hist.details                          ? 
_refine_hist.d_res_high                       2.6000 
_refine_hist.d_res_low                        46.7800 
_refine_hist.number_atoms_solvent             7 
_refine_hist.number_atoms_total               453 
_refine_hist.number_reflns_all                ? 
_refine_hist.number_reflns_obs                ? 
_refine_hist.number_reflns_R_free             ? 
_refine_hist.number_reflns_R_work             ? 
_refine_hist.R_factor_all                     ? 
_refine_hist.R_factor_obs                     ? 
_refine_hist.R_factor_R_free                  ? 
_refine_hist.R_factor_R_work                  ? 
_refine_hist.pdbx_number_residues_total       22 
_refine_hist.pdbx_B_iso_mean_ligand           ? 
_refine_hist.pdbx_B_iso_mean_solvent          38.81 
_refine_hist.pdbx_number_atoms_protein        0 
_refine_hist.pdbx_number_atoms_nucleic_acid   446 
_refine_hist.pdbx_number_atoms_ligand         0 
_refine_hist.pdbx_number_atoms_lipid          ? 
_refine_hist.pdbx_number_atoms_carb           ? 
_refine_hist.pdbx_pseudo_atom_details         ? 
# 
loop_
_refine_ls_restr.pdbx_refine_id 
_refine_ls_restr.criterion 
_refine_ls_restr.dev_ideal 
_refine_ls_restr.dev_ideal_target 
_refine_ls_restr.number 
_refine_ls_restr.rejects 
_refine_ls_restr.type 
_refine_ls_restr.weight 
_refine_ls_restr.pdbx_restraint_function 
'X-RAY DIFFRACTION' ? 0.008 0.011 500 ? r_bond_refined_d     ? ? 
'X-RAY DIFFRACTION' ? 0.003 0.020 244 ? r_bond_other_d       ? ? 
'X-RAY DIFFRACTION' ? 1.615 1.303 768 ? r_angle_refined_deg  ? ? 
'X-RAY DIFFRACTION' ? 1.627 3.000 576 ? r_angle_other_deg    ? ? 
'X-RAY DIFFRACTION' ? 0.093 0.200 66  ? r_chiral_restr       ? ? 
'X-RAY DIFFRACTION' ? 0.012 0.020 272 ? r_gen_planes_refined ? ? 
'X-RAY DIFFRACTION' ? 0.001 0.020 122 ? r_gen_planes_other   ? ? 
# 
_refine_ls_shell.pdbx_refine_id                   'X-RAY DIFFRACTION' 
_refine_ls_shell.d_res_high                       2.60 
_refine_ls_shell.d_res_low                        2.6680 
_refine_ls_shell.number_reflns_all                184 
_refine_ls_shell.number_reflns_obs                ? 
_refine_ls_shell.number_reflns_R_free             16 
_refine_ls_shell.number_reflns_R_work             168 
_refine_ls_shell.percent_reflns_obs               100.0000 
_refine_ls_shell.percent_reflns_R_free            ? 
_refine_ls_shell.R_factor_all                     ? 
_refine_ls_shell.R_factor_obs                     ? 
_refine_ls_shell.R_factor_R_free                  0.4850 
_refine_ls_shell.R_factor_R_free_error            0.0000 
_refine_ls_shell.R_factor_R_work                  0.4460 
_refine_ls_shell.redundancy_reflns_all            ? 
_refine_ls_shell.redundancy_reflns_obs            ? 
_refine_ls_shell.wR_factor_all                    ? 
_refine_ls_shell.wR_factor_obs                    ? 
_refine_ls_shell.wR_factor_R_free                 ? 
_refine_ls_shell.wR_factor_R_work                 ? 
_refine_ls_shell.pdbx_total_number_of_bins_used   20 
_refine_ls_shell.pdbx_phase_error                 ? 
_refine_ls_shell.pdbx_fsc_work                    ? 
_refine_ls_shell.pdbx_fsc_free                    ? 
# 
_struct.entry_id                     6TZS 
_struct.title                        'A DNA i-motif/duplex hybrid' 
_struct.pdbx_model_details           ? 
_struct.pdbx_formula_weight          ? 
_struct.pdbx_formula_weight_method   ? 
_struct.pdbx_model_type_details      ? 
_struct.pdbx_CASP_flag               N 
# 
_struct_keywords.entry_id        6TZS 
_struct_keywords.text            'i-motif, duplex, quadruplex, hybrid, noncanonical, DNA' 
_struct_keywords.pdbx_keywords   DNA 
# 
loop_
_struct_asym.id 
_struct_asym.pdbx_blank_PDB_chainid_flag 
_struct_asym.pdbx_modified 
_struct_asym.entity_id 
_struct_asym.details 
A N N 1 ? 
B N N 1 ? 
C N N 2 ? 
D N N 2 ? 
# 
_struct_ref.id                         1 
_struct_ref.db_name                    PDB 
_struct_ref.db_code                    6TZS 
_struct_ref.pdbx_db_accession          6TZS 
_struct_ref.pdbx_db_isoform            ? 
_struct_ref.entity_id                  1 
_struct_ref.pdbx_seq_one_letter_code   ? 
_struct_ref.pdbx_align_begin           1 
# 
loop_
_struct_ref_seq.align_id 
_struct_ref_seq.ref_id 
_struct_ref_seq.pdbx_PDB_id_code 
_struct_ref_seq.pdbx_strand_id 
_struct_ref_seq.seq_align_beg 
_struct_ref_seq.pdbx_seq_align_beg_ins_code 
_struct_ref_seq.seq_align_end 
_struct_ref_seq.pdbx_seq_align_end_ins_code 
_struct_ref_seq.pdbx_db_accession 
_struct_ref_seq.db_align_beg 
_struct_ref_seq.pdbx_db_align_beg_ins_code 
_struct_ref_seq.db_align_end 
_struct_ref_seq.pdbx_db_align_end_ins_code 
_struct_ref_seq.pdbx_auth_seq_align_beg 
_struct_ref_seq.pdbx_auth_seq_align_end 
1 1 6TZS A 1 ? 11 ? 6TZS 1 ? 11 ? 1 11 
2 1 6TZS B 1 ? 11 ? 6TZS 1 ? 11 ? 1 11 
# 
_pdbx_struct_assembly.id                   1 
_pdbx_struct_assembly.details              author_and_software_defined_assembly 
_pdbx_struct_assembly.method_details       PISA 
_pdbx_struct_assembly.oligomeric_details   tetrameric 
_pdbx_struct_assembly.oligomeric_count     4 
# 
loop_
_pdbx_struct_assembly_prop.biol_id 
_pdbx_struct_assembly_prop.type 
_pdbx_struct_assembly_prop.value 
_pdbx_struct_assembly_prop.details 
1 'ABSA (A^2)' 4100 ? 
1 MORE         -3   ? 
1 'SSA (A^2)'  9390 ? 
# 
loop_
_pdbx_struct_assembly_gen.assembly_id 
_pdbx_struct_assembly_gen.oper_expression 
_pdbx_struct_assembly_gen.asym_id_list 
1 1,2 A,C 
1 3,4 B,D 
# 
_pdbx_struct_assembly_auth_evidence.id                     1 
_pdbx_struct_assembly_auth_evidence.assembly_id            1 
_pdbx_struct_assembly_auth_evidence.experimental_support   none 
_pdbx_struct_assembly_auth_evidence.details                ? 
# 
loop_
_pdbx_struct_oper_list.id 
_pdbx_struct_oper_list.type 
_pdbx_struct_oper_list.name 
_pdbx_struct_oper_list.symmetry_operation 
_pdbx_struct_oper_list.matrix[1][1] 
_pdbx_struct_oper_list.matrix[1][2] 
_pdbx_struct_oper_list.matrix[1][3] 
_pdbx_struct_oper_list.vector[1] 
_pdbx_struct_oper_list.matrix[2][1] 
_pdbx_struct_oper_list.matrix[2][2] 
_pdbx_struct_oper_list.matrix[2][3] 
_pdbx_struct_oper_list.vector[2] 
_pdbx_struct_oper_list.matrix[3][1] 
_pdbx_struct_oper_list.matrix[3][2] 
_pdbx_struct_oper_list.matrix[3][3] 
_pdbx_struct_oper_list.vector[3] 
1 'identity operation'         1_555  x,y,z            1.0000000000  0.0000000000  0.0000000000  0.0000000000 0.0000000000  1.0000000000  0.0000000000  0.0000000000   0.0000000000  0.0000000000  1.0000000000  0.0000000000  
2 'crystal symmetry operation' 5_454  -x-1/2,y,-z-1/4  -0.9413310286 0.2575796743  0.2180564282  7.6624791564 0.2575796743  0.1308752664  0.9573527960  -17.7293808180 0.2180564282  0.9573527960  -0.1895442378 18.8812519751 
3 'crystal symmetry operation' 11_564 -y+1/2,x+1,z-1/4 0.0053720896  0.7049472891  0.7092393532  1.0307472399 -0.8008248901 0.4277904465  -0.4191358125 -11.7944523964 -0.5988744744 -0.5657248920 0.5668374639  26.7141457364 
4 'crystal symmetry operation' 15_465 y-1,x+1,-z       -0.3419215578 -0.6767585823 -0.6519873232 9.4793847928 -0.6767585823 -0.3040310253 0.6704945615  6.5673787346   -0.6519873232 0.6704945615  -0.3540474169 2.7510486663   
# 
loop_
_struct_conn.id 
_struct_conn.conn_type_id 
_struct_conn.pdbx_leaving_atom_flag 
_struct_conn.pdbx_PDB_id 
_struct_conn.ptnr1_label_asym_id 
_struct_conn.ptnr1_label_comp_id 
_struct_conn.ptnr1_label_seq_id 
_struct_conn.ptnr1_label_atom_id 
_struct_conn.pdbx_ptnr1_label_alt_id 
_struct_conn.pdbx_ptnr1_PDB_ins_code 
_struct_conn.pdbx_ptnr1_standard_comp_id 
_struct_conn.ptnr1_symmetry 
_struct_conn.ptnr2_label_asym_id 
_struct_conn.ptnr2_label_comp_id 
_struct_conn.ptnr2_label_seq_id 
_struct_conn.ptnr2_label_atom_id 
_struct_conn.pdbx_ptnr2_label_alt_id 
_struct_conn.pdbx_ptnr2_PDB_ins_code 
_struct_conn.ptnr1_auth_asym_id 
_struct_conn.ptnr1_auth_comp_id 
_struct_conn.ptnr1_auth_seq_id 
_struct_conn.ptnr2_auth_asym_id 
_struct_conn.ptnr2_auth_comp_id 
_struct_conn.ptnr2_auth_seq_id 
_struct_conn.ptnr2_symmetry 
_struct_conn.pdbx_ptnr3_label_atom_id 
_struct_conn.pdbx_ptnr3_label_seq_id 
_struct_conn.pdbx_ptnr3_label_comp_id 
_struct_conn.pdbx_ptnr3_label_asym_id 
_struct_conn.pdbx_ptnr3_label_alt_id 
_struct_conn.pdbx_ptnr3_PDB_ins_code 
_struct_conn.details 
_struct_conn.pdbx_dist_value 
_struct_conn.pdbx_value_order 
_struct_conn.pdbx_role 
covale1  covale both ? A DG  8  "O3'" ? ? ? 1_555 A CBR 9  P  ? ? A DG  8  A CBR 9  1_555  ? ? ? ? ? ? ?            1.574 ? ? 
covale2  covale both ? A CBR 9  "O3'" ? ? ? 1_555 A DA  10 P  ? ? A CBR 9  A DA  10 1_555  ? ? ? ? ? ? ?            1.580 ? ? 
covale3  covale both ? B DG  8  "O3'" ? ? ? 1_555 B CBR 9  P  ? ? B DG  8  B CBR 9  1_555  ? ? ? ? ? ? ?            1.569 ? ? 
covale4  covale both ? B CBR 9  "O3'" ? ? ? 1_555 B DA  10 P  ? ? B CBR 9  B DA  10 1_555  ? ? ? ? ? ? ?            1.620 ? ? 
hydrog1  hydrog ?    ? A DT  7  N3    ? ? ? 1_555 A DA  11 N1 ? ? A DT  7  A DA  11 10_565 ? ? ? ? ? ? WATSON-CRICK ?     ? ? 
hydrog2  hydrog ?    ? A DT  7  O4    ? ? ? 1_555 A DA  11 N6 ? ? A DT  7  A DA  11 10_565 ? ? ? ? ? ? WATSON-CRICK ?     ? ? 
hydrog3  hydrog ?    ? A DG  8  N2    ? ? ? 1_555 A DA  10 N7 ? ? A DG  8  A DA  10 10_565 ? ? ? ? ? ? TYPE_11_PAIR ?     ? ? 
hydrog4  hydrog ?    ? A DG  8  N3    ? ? ? 1_555 A DA  10 N6 ? ? A DG  8  A DA  10 10_565 ? ? ? ? ? ? TYPE_11_PAIR ?     ? ? 
hydrog5  hydrog ?    ? A DA  10 N6    ? ? ? 1_555 A DG  8  N3 ? ? A DA  10 A DG  8  10_565 ? ? ? ? ? ? TYPE_11_PAIR ?     ? ? 
hydrog6  hydrog ?    ? A DA  10 N7    ? ? ? 1_555 A DG  8  N2 ? ? A DA  10 A DG  8  10_565 ? ? ? ? ? ? TYPE_11_PAIR ?     ? ? 
hydrog7  hydrog ?    ? A DA  11 N1    ? ? ? 1_555 A DT  7  N3 ? ? A DA  11 A DT  7  10_565 ? ? ? ? ? ? WATSON-CRICK ?     ? ? 
hydrog8  hydrog ?    ? A DA  11 N6    ? ? ? 1_555 A DT  7  O4 ? ? A DA  11 A DT  7  10_565 ? ? ? ? ? ? WATSON-CRICK ?     ? ? 
hydrog9  hydrog ?    ? B DT  7  N3    ? ? ? 1_555 B DA  11 N1 ? ? B DT  7  B DA  11 15_465 ? ? ? ? ? ? WATSON-CRICK ?     ? ? 
hydrog10 hydrog ?    ? B DT  7  O4    ? ? ? 1_555 B DA  11 N6 ? ? B DT  7  B DA  11 15_465 ? ? ? ? ? ? WATSON-CRICK ?     ? ? 
hydrog11 hydrog ?    ? B DG  8  N2    ? ? ? 1_555 B DA  10 N7 ? ? B DG  8  B DA  10 15_465 ? ? ? ? ? ? TYPE_11_PAIR ?     ? ? 
hydrog12 hydrog ?    ? B DG  8  N3    ? ? ? 1_555 B DA  10 N6 ? ? B DG  8  B DA  10 15_465 ? ? ? ? ? ? TYPE_11_PAIR ?     ? ? 
hydrog13 hydrog ?    ? B DA  10 N6    ? ? ? 1_555 B DG  8  N3 ? ? B DA  10 B DG  8  15_465 ? ? ? ? ? ? TYPE_11_PAIR ?     ? ? 
hydrog14 hydrog ?    ? B DA  10 N7    ? ? ? 1_555 B DG  8  N2 ? ? B DA  10 B DG  8  15_465 ? ? ? ? ? ? TYPE_11_PAIR ?     ? ? 
hydrog15 hydrog ?    ? B DA  11 N1    ? ? ? 1_555 B DT  7  N3 ? ? B DA  11 B DT  7  15_465 ? ? ? ? ? ? WATSON-CRICK ?     ? ? 
hydrog16 hydrog ?    ? B DA  11 N6    ? ? ? 1_555 B DT  7  O4 ? ? B DA  11 B DT  7  15_465 ? ? ? ? ? ? WATSON-CRICK ?     ? ? 
# 
loop_
_struct_conn_type.id 
_struct_conn_type.criteria 
_struct_conn_type.reference 
covale ? ? 
hydrog ? ? 
# 
_pdbx_validate_rmsd_angle.id                         1 
_pdbx_validate_rmsd_angle.PDB_model_num              1 
_pdbx_validate_rmsd_angle.auth_atom_id_1             "C3'" 
_pdbx_validate_rmsd_angle.auth_asym_id_1             A 
_pdbx_validate_rmsd_angle.auth_comp_id_1             DA 
_pdbx_validate_rmsd_angle.auth_seq_id_1              3 
_pdbx_validate_rmsd_angle.PDB_ins_code_1             ? 
_pdbx_validate_rmsd_angle.label_alt_id_1             ? 
_pdbx_validate_rmsd_angle.auth_atom_id_2             "C2'" 
_pdbx_validate_rmsd_angle.auth_asym_id_2             A 
_pdbx_validate_rmsd_angle.auth_comp_id_2             DA 
_pdbx_validate_rmsd_angle.auth_seq_id_2              3 
_pdbx_validate_rmsd_angle.PDB_ins_code_2             ? 
_pdbx_validate_rmsd_angle.label_alt_id_2             ? 
_pdbx_validate_rmsd_angle.auth_atom_id_3             "C1'" 
_pdbx_validate_rmsd_angle.auth_asym_id_3             A 
_pdbx_validate_rmsd_angle.auth_comp_id_3             DA 
_pdbx_validate_rmsd_angle.auth_seq_id_3              3 
_pdbx_validate_rmsd_angle.PDB_ins_code_3             ? 
_pdbx_validate_rmsd_angle.label_alt_id_3             ? 
_pdbx_validate_rmsd_angle.angle_value                96.58 
_pdbx_validate_rmsd_angle.angle_target_value         102.40 
_pdbx_validate_rmsd_angle.angle_deviation            -5.82 
_pdbx_validate_rmsd_angle.angle_standard_deviation   0.80 
_pdbx_validate_rmsd_angle.linker_flag                N 
# 
_pdbx_struct_special_symmetry.id              1 
_pdbx_struct_special_symmetry.PDB_model_num   1 
_pdbx_struct_special_symmetry.auth_asym_id    B 
_pdbx_struct_special_symmetry.auth_comp_id    HOH 
_pdbx_struct_special_symmetry.auth_seq_id     105 
_pdbx_struct_special_symmetry.PDB_ins_code    ? 
_pdbx_struct_special_symmetry.label_asym_id   D 
_pdbx_struct_special_symmetry.label_comp_id   HOH 
_pdbx_struct_special_symmetry.label_seq_id    . 
# 
_pdbx_entry_details.entry_id                 6TZS 
_pdbx_entry_details.has_ligand_of_interest   N 
_pdbx_entry_details.compound_details         ? 
_pdbx_entry_details.source_details           ? 
_pdbx_entry_details.nonpolymer_details       ? 
_pdbx_entry_details.sequence_details         ? 
# 
loop_
_chem_comp_atom.comp_id 
_chem_comp_atom.atom_id 
_chem_comp_atom.type_symbol 
_chem_comp_atom.pdbx_aromatic_flag 
_chem_comp_atom.pdbx_stereo_config 
_chem_comp_atom.pdbx_ordinal 
CBR BR     BR N N 1   
CBR P      P  N N 2   
CBR OP1    O  N N 3   
CBR OP2    O  N N 4   
CBR "O5'"  O  N N 5   
CBR N1     N  N N 6   
CBR C6     C  N N 7   
CBR C2     C  N N 8   
CBR O2     O  N N 9   
CBR N3     N  N N 10  
CBR C4     C  N N 11  
CBR N4     N  N N 12  
CBR C5     C  N N 13  
CBR "C2'"  C  N N 14  
CBR "C5'"  C  N N 15  
CBR "C4'"  C  N R 16  
CBR "O4'"  O  N N 17  
CBR "C1'"  C  N R 18  
CBR "C3'"  C  N S 19  
CBR "O3'"  O  N N 20  
CBR OP3    O  N N 21  
CBR HOP2   H  N N 22  
CBR H6     H  N N 23  
CBR H41    H  N N 24  
CBR H42    H  N N 25  
CBR "H2'"  H  N N 26  
CBR "H2''" H  N N 27  
CBR "H5'"  H  N N 28  
CBR "H5''" H  N N 29  
CBR "H4'"  H  N N 30  
CBR "H1'"  H  N N 31  
CBR "H3'"  H  N N 32  
CBR "HO3'" H  N N 33  
CBR HOP3   H  N N 34  
DA  OP3    O  N N 35  
DA  P      P  N N 36  
DA  OP1    O  N N 37  
DA  OP2    O  N N 38  
DA  "O5'"  O  N N 39  
DA  "C5'"  C  N N 40  
DA  "C4'"  C  N R 41  
DA  "O4'"  O  N N 42  
DA  "C3'"  C  N S 43  
DA  "O3'"  O  N N 44  
DA  "C2'"  C  N N 45  
DA  "C1'"  C  N R 46  
DA  N9     N  Y N 47  
DA  C8     C  Y N 48  
DA  N7     N  Y N 49  
DA  C5     C  Y N 50  
DA  C6     C  Y N 51  
DA  N6     N  N N 52  
DA  N1     N  Y N 53  
DA  C2     C  Y N 54  
DA  N3     N  Y N 55  
DA  C4     C  Y N 56  
DA  HOP3   H  N N 57  
DA  HOP2   H  N N 58  
DA  "H5'"  H  N N 59  
DA  "H5''" H  N N 60  
DA  "H4'"  H  N N 61  
DA  "H3'"  H  N N 62  
DA  "HO3'" H  N N 63  
DA  "H2'"  H  N N 64  
DA  "H2''" H  N N 65  
DA  "H1'"  H  N N 66  
DA  H8     H  N N 67  
DA  H61    H  N N 68  
DA  H62    H  N N 69  
DA  H2     H  N N 70  
DC  OP3    O  N N 71  
DC  P      P  N N 72  
DC  OP1    O  N N 73  
DC  OP2    O  N N 74  
DC  "O5'"  O  N N 75  
DC  "C5'"  C  N N 76  
DC  "C4'"  C  N R 77  
DC  "O4'"  O  N N 78  
DC  "C3'"  C  N S 79  
DC  "O3'"  O  N N 80  
DC  "C2'"  C  N N 81  
DC  "C1'"  C  N R 82  
DC  N1     N  N N 83  
DC  C2     C  N N 84  
DC  O2     O  N N 85  
DC  N3     N  N N 86  
DC  C4     C  N N 87  
DC  N4     N  N N 88  
DC  C5     C  N N 89  
DC  C6     C  N N 90  
DC  HOP3   H  N N 91  
DC  HOP2   H  N N 92  
DC  "H5'"  H  N N 93  
DC  "H5''" H  N N 94  
DC  "H4'"  H  N N 95  
DC  "H3'"  H  N N 96  
DC  "HO3'" H  N N 97  
DC  "H2'"  H  N N 98  
DC  "H2''" H  N N 99  
DC  "H1'"  H  N N 100 
DC  H41    H  N N 101 
DC  H42    H  N N 102 
DC  H5     H  N N 103 
DC  H6     H  N N 104 
DG  OP3    O  N N 105 
DG  P      P  N N 106 
DG  OP1    O  N N 107 
DG  OP2    O  N N 108 
DG  "O5'"  O  N N 109 
DG  "C5'"  C  N N 110 
DG  "C4'"  C  N R 111 
DG  "O4'"  O  N N 112 
DG  "C3'"  C  N S 113 
DG  "O3'"  O  N N 114 
DG  "C2'"  C  N N 115 
DG  "C1'"  C  N R 116 
DG  N9     N  Y N 117 
DG  C8     C  Y N 118 
DG  N7     N  Y N 119 
DG  C5     C  Y N 120 
DG  C6     C  N N 121 
DG  O6     O  N N 122 
DG  N1     N  N N 123 
DG  C2     C  N N 124 
DG  N2     N  N N 125 
DG  N3     N  N N 126 
DG  C4     C  Y N 127 
DG  HOP3   H  N N 128 
DG  HOP2   H  N N 129 
DG  "H5'"  H  N N 130 
DG  "H5''" H  N N 131 
DG  "H4'"  H  N N 132 
DG  "H3'"  H  N N 133 
DG  "HO3'" H  N N 134 
DG  "H2'"  H  N N 135 
DG  "H2''" H  N N 136 
DG  "H1'"  H  N N 137 
DG  H8     H  N N 138 
DG  H1     H  N N 139 
DG  H21    H  N N 140 
DG  H22    H  N N 141 
DT  OP3    O  N N 142 
DT  P      P  N N 143 
DT  OP1    O  N N 144 
DT  OP2    O  N N 145 
DT  "O5'"  O  N N 146 
DT  "C5'"  C  N N 147 
DT  "C4'"  C  N R 148 
DT  "O4'"  O  N N 149 
DT  "C3'"  C  N S 150 
DT  "O3'"  O  N N 151 
DT  "C2'"  C  N N 152 
DT  "C1'"  C  N R 153 
DT  N1     N  N N 154 
DT  C2     C  N N 155 
DT  O2     O  N N 156 
DT  N3     N  N N 157 
DT  C4     C  N N 158 
DT  O4     O  N N 159 
DT  C5     C  N N 160 
DT  C7     C  N N 161 
DT  C6     C  N N 162 
DT  HOP3   H  N N 163 
DT  HOP2   H  N N 164 
DT  "H5'"  H  N N 165 
DT  "H5''" H  N N 166 
DT  "H4'"  H  N N 167 
DT  "H3'"  H  N N 168 
DT  "HO3'" H  N N 169 
DT  "H2'"  H  N N 170 
DT  "H2''" H  N N 171 
DT  "H1'"  H  N N 172 
DT  H3     H  N N 173 
DT  H71    H  N N 174 
DT  H72    H  N N 175 
DT  H73    H  N N 176 
DT  H6     H  N N 177 
HOH O      O  N N 178 
HOH H1     H  N N 179 
HOH H2     H  N N 180 
# 
loop_
_chem_comp_bond.comp_id 
_chem_comp_bond.atom_id_1 
_chem_comp_bond.atom_id_2 
_chem_comp_bond.value_order 
_chem_comp_bond.pdbx_aromatic_flag 
_chem_comp_bond.pdbx_stereo_config 
_chem_comp_bond.pdbx_ordinal 
CBR BR    C5     sing N N 1   
CBR P     OP1    doub N N 2   
CBR P     OP2    sing N N 3   
CBR P     "O5'"  sing N N 4   
CBR P     OP3    sing N N 5   
CBR OP2   HOP2   sing N N 6   
CBR "O5'" "C5'"  sing N N 7   
CBR N1    C6     sing N N 8   
CBR N1    C2     sing N N 9   
CBR N1    "C1'"  sing N N 10  
CBR C6    C5     doub N N 11  
CBR C6    H6     sing N N 12  
CBR C2    O2     doub N N 13  
CBR C2    N3     sing N N 14  
CBR N3    C4     doub N N 15  
CBR C4    N4     sing N N 16  
CBR C4    C5     sing N N 17  
CBR N4    H41    sing N N 18  
CBR N4    H42    sing N N 19  
CBR "C2'" "C1'"  sing N N 20  
CBR "C2'" "C3'"  sing N N 21  
CBR "C2'" "H2'"  sing N N 22  
CBR "C2'" "H2''" sing N N 23  
CBR "C5'" "C4'"  sing N N 24  
CBR "C5'" "H5'"  sing N N 25  
CBR "C5'" "H5''" sing N N 26  
CBR "C4'" "O4'"  sing N N 27  
CBR "C4'" "C3'"  sing N N 28  
CBR "C4'" "H4'"  sing N N 29  
CBR "O4'" "C1'"  sing N N 30  
CBR "C1'" "H1'"  sing N N 31  
CBR "C3'" "O3'"  sing N N 32  
CBR "C3'" "H3'"  sing N N 33  
CBR "O3'" "HO3'" sing N N 34  
CBR OP3   HOP3   sing N N 35  
DA  OP3   P      sing N N 36  
DA  OP3   HOP3   sing N N 37  
DA  P     OP1    doub N N 38  
DA  P     OP2    sing N N 39  
DA  P     "O5'"  sing N N 40  
DA  OP2   HOP2   sing N N 41  
DA  "O5'" "C5'"  sing N N 42  
DA  "C5'" "C4'"  sing N N 43  
DA  "C5'" "H5'"  sing N N 44  
DA  "C5'" "H5''" sing N N 45  
DA  "C4'" "O4'"  sing N N 46  
DA  "C4'" "C3'"  sing N N 47  
DA  "C4'" "H4'"  sing N N 48  
DA  "O4'" "C1'"  sing N N 49  
DA  "C3'" "O3'"  sing N N 50  
DA  "C3'" "C2'"  sing N N 51  
DA  "C3'" "H3'"  sing N N 52  
DA  "O3'" "HO3'" sing N N 53  
DA  "C2'" "C1'"  sing N N 54  
DA  "C2'" "H2'"  sing N N 55  
DA  "C2'" "H2''" sing N N 56  
DA  "C1'" N9     sing N N 57  
DA  "C1'" "H1'"  sing N N 58  
DA  N9    C8     sing Y N 59  
DA  N9    C4     sing Y N 60  
DA  C8    N7     doub Y N 61  
DA  C8    H8     sing N N 62  
DA  N7    C5     sing Y N 63  
DA  C5    C6     sing Y N 64  
DA  C5    C4     doub Y N 65  
DA  C6    N6     sing N N 66  
DA  C6    N1     doub Y N 67  
DA  N6    H61    sing N N 68  
DA  N6    H62    sing N N 69  
DA  N1    C2     sing Y N 70  
DA  C2    N3     doub Y N 71  
DA  C2    H2     sing N N 72  
DA  N3    C4     sing Y N 73  
DC  OP3   P      sing N N 74  
DC  OP3   HOP3   sing N N 75  
DC  P     OP1    doub N N 76  
DC  P     OP2    sing N N 77  
DC  P     "O5'"  sing N N 78  
DC  OP2   HOP2   sing N N 79  
DC  "O5'" "C5'"  sing N N 80  
DC  "C5'" "C4'"  sing N N 81  
DC  "C5'" "H5'"  sing N N 82  
DC  "C5'" "H5''" sing N N 83  
DC  "C4'" "O4'"  sing N N 84  
DC  "C4'" "C3'"  sing N N 85  
DC  "C4'" "H4'"  sing N N 86  
DC  "O4'" "C1'"  sing N N 87  
DC  "C3'" "O3'"  sing N N 88  
DC  "C3'" "C2'"  sing N N 89  
DC  "C3'" "H3'"  sing N N 90  
DC  "O3'" "HO3'" sing N N 91  
DC  "C2'" "C1'"  sing N N 92  
DC  "C2'" "H2'"  sing N N 93  
DC  "C2'" "H2''" sing N N 94  
DC  "C1'" N1     sing N N 95  
DC  "C1'" "H1'"  sing N N 96  
DC  N1    C2     sing N N 97  
DC  N1    C6     sing N N 98  
DC  C2    O2     doub N N 99  
DC  C2    N3     sing N N 100 
DC  N3    C4     doub N N 101 
DC  C4    N4     sing N N 102 
DC  C4    C5     sing N N 103 
DC  N4    H41    sing N N 104 
DC  N4    H42    sing N N 105 
DC  C5    C6     doub N N 106 
DC  C5    H5     sing N N 107 
DC  C6    H6     sing N N 108 
DG  OP3   P      sing N N 109 
DG  OP3   HOP3   sing N N 110 
DG  P     OP1    doub N N 111 
DG  P     OP2    sing N N 112 
DG  P     "O5'"  sing N N 113 
DG  OP2   HOP2   sing N N 114 
DG  "O5'" "C5'"  sing N N 115 
DG  "C5'" "C4'"  sing N N 116 
DG  "C5'" "H5'"  sing N N 117 
DG  "C5'" "H5''" sing N N 118 
DG  "C4'" "O4'"  sing N N 119 
DG  "C4'" "C3'"  sing N N 120 
DG  "C4'" "H4'"  sing N N 121 
DG  "O4'" "C1'"  sing N N 122 
DG  "C3'" "O3'"  sing N N 123 
DG  "C3'" "C2'"  sing N N 124 
DG  "C3'" "H3'"  sing N N 125 
DG  "O3'" "HO3'" sing N N 126 
DG  "C2'" "C1'"  sing N N 127 
DG  "C2'" "H2'"  sing N N 128 
DG  "C2'" "H2''" sing N N 129 
DG  "C1'" N9     sing N N 130 
DG  "C1'" "H1'"  sing N N 131 
DG  N9    C8     sing Y N 132 
DG  N9    C4     sing Y N 133 
DG  C8    N7     doub Y N 134 
DG  C8    H8     sing N N 135 
DG  N7    C5     sing Y N 136 
DG  C5    C6     sing N N 137 
DG  C5    C4     doub Y N 138 
DG  C6    O6     doub N N 139 
DG  C6    N1     sing N N 140 
DG  N1    C2     sing N N 141 
DG  N1    H1     sing N N 142 
DG  C2    N2     sing N N 143 
DG  C2    N3     doub N N 144 
DG  N2    H21    sing N N 145 
DG  N2    H22    sing N N 146 
DG  N3    C4     sing N N 147 
DT  OP3   P      sing N N 148 
DT  OP3   HOP3   sing N N 149 
DT  P     OP1    doub N N 150 
DT  P     OP2    sing N N 151 
DT  P     "O5'"  sing N N 152 
DT  OP2   HOP2   sing N N 153 
DT  "O5'" "C5'"  sing N N 154 
DT  "C5'" "C4'"  sing N N 155 
DT  "C5'" "H5'"  sing N N 156 
DT  "C5'" "H5''" sing N N 157 
DT  "C4'" "O4'"  sing N N 158 
DT  "C4'" "C3'"  sing N N 159 
DT  "C4'" "H4'"  sing N N 160 
DT  "O4'" "C1'"  sing N N 161 
DT  "C3'" "O3'"  sing N N 162 
DT  "C3'" "C2'"  sing N N 163 
DT  "C3'" "H3'"  sing N N 164 
DT  "O3'" "HO3'" sing N N 165 
DT  "C2'" "C1'"  sing N N 166 
DT  "C2'" "H2'"  sing N N 167 
DT  "C2'" "H2''" sing N N 168 
DT  "C1'" N1     sing N N 169 
DT  "C1'" "H1'"  sing N N 170 
DT  N1    C2     sing N N 171 
DT  N1    C6     sing N N 172 
DT  C2    O2     doub N N 173 
DT  C2    N3     sing N N 174 
DT  N3    C4     sing N N 175 
DT  N3    H3     sing N N 176 
DT  C4    O4     doub N N 177 
DT  C4    C5     sing N N 178 
DT  C5    C7     sing N N 179 
DT  C5    C6     doub N N 180 
DT  C7    H71    sing N N 181 
DT  C7    H72    sing N N 182 
DT  C7    H73    sing N N 183 
DT  C6    H6     sing N N 184 
HOH O     H1     sing N N 185 
HOH O     H2     sing N N 186 
# 
loop_
_ndb_struct_na_base_pair.model_number 
_ndb_struct_na_base_pair.i_label_asym_id 
_ndb_struct_na_base_pair.i_label_comp_id 
_ndb_struct_na_base_pair.i_label_seq_id 
_ndb_struct_na_base_pair.i_symmetry 
_ndb_struct_na_base_pair.j_label_asym_id 
_ndb_struct_na_base_pair.j_label_comp_id 
_ndb_struct_na_base_pair.j_label_seq_id 
_ndb_struct_na_base_pair.j_symmetry 
_ndb_struct_na_base_pair.shear 
_ndb_struct_na_base_pair.stretch 
_ndb_struct_na_base_pair.stagger 
_ndb_struct_na_base_pair.buckle 
_ndb_struct_na_base_pair.propeller 
_ndb_struct_na_base_pair.opening 
_ndb_struct_na_base_pair.pair_number 
_ndb_struct_na_base_pair.pair_name 
_ndb_struct_na_base_pair.i_auth_asym_id 
_ndb_struct_na_base_pair.i_auth_seq_id 
_ndb_struct_na_base_pair.i_PDB_ins_code 
_ndb_struct_na_base_pair.j_auth_asym_id 
_ndb_struct_na_base_pair.j_auth_seq_id 
_ndb_struct_na_base_pair.j_PDB_ins_code 
_ndb_struct_na_base_pair.hbond_type_28 
_ndb_struct_na_base_pair.hbond_type_12 
1 A DT 7 1_555  A DA 11 10_565 -0.400 -0.126 0.227 7.925  -0.386 3.147   1 A_DT7:DA11_A A 7 ? A 11 ? 20 1 
1 A DG 8 1_555  A DA 10 10_565 6.397  -4.446 1.022 26.568 -2.853 4.004   2 A_DG8:DA10_A A 8 ? A 10 ? 11 9 
1 A DT 7 10_565 A DA 11 1_555  -0.400 -0.126 0.227 7.925  -0.386 3.147   3 A_DT7:DA11_A A 7 ? A 11 ? 20 1 
1 A DG 8 10_565 A DA 10 1_555  6.397  -4.446 1.022 26.568 -2.853 4.004   4 A_DG8:DA10_A A 8 ? A 10 ? 11 9 
1 B DT 7 1_555  B DA 11 15_465 -0.279 -0.060 0.164 6.438  8.656  -14.960 5 B_DT7:DA11_B B 7 ? B 11 ? 20 1 
1 B DG 8 1_555  B DA 10 15_465 6.579  -3.589 0.743 31.222 3.902  12.400  6 B_DG8:DA10_B B 8 ? B 10 ? 11 9 
1 B DT 7 15_465 B DA 11 1_555  -0.279 -0.060 0.164 6.438  8.656  -14.960 7 B_DT7:DA11_B B 7 ? B 11 ? 20 1 
1 B DG 8 15_465 B DA 10 1_555  6.579  -3.589 0.743 31.222 3.902  12.400  8 B_DG8:DA10_B B 8 ? B 10 ? 11 9 
# 
loop_
_ndb_struct_na_base_pair_step.model_number 
_ndb_struct_na_base_pair_step.i_label_asym_id_1 
_ndb_struct_na_base_pair_step.i_label_comp_id_1 
_ndb_struct_na_base_pair_step.i_label_seq_id_1 
_ndb_struct_na_base_pair_step.i_symmetry_1 
_ndb_struct_na_base_pair_step.j_label_asym_id_1 
_ndb_struct_na_base_pair_step.j_label_comp_id_1 
_ndb_struct_na_base_pair_step.j_label_seq_id_1 
_ndb_struct_na_base_pair_step.j_symmetry_1 
_ndb_struct_na_base_pair_step.i_label_asym_id_2 
_ndb_struct_na_base_pair_step.i_label_comp_id_2 
_ndb_struct_na_base_pair_step.i_label_seq_id_2 
_ndb_struct_na_base_pair_step.i_symmetry_2 
_ndb_struct_na_base_pair_step.j_label_asym_id_2 
_ndb_struct_na_base_pair_step.j_label_comp_id_2 
_ndb_struct_na_base_pair_step.j_label_seq_id_2 
_ndb_struct_na_base_pair_step.j_symmetry_2 
_ndb_struct_na_base_pair_step.shift 
_ndb_struct_na_base_pair_step.slide 
_ndb_struct_na_base_pair_step.rise 
_ndb_struct_na_base_pair_step.tilt 
_ndb_struct_na_base_pair_step.roll 
_ndb_struct_na_base_pair_step.twist 
_ndb_struct_na_base_pair_step.x_displacement 
_ndb_struct_na_base_pair_step.y_displacement 
_ndb_struct_na_base_pair_step.helical_rise 
_ndb_struct_na_base_pair_step.inclination 
_ndb_struct_na_base_pair_step.tip 
_ndb_struct_na_base_pair_step.helical_twist 
_ndb_struct_na_base_pair_step.step_number 
_ndb_struct_na_base_pair_step.step_name 
_ndb_struct_na_base_pair_step.i_auth_asym_id_1 
_ndb_struct_na_base_pair_step.i_auth_seq_id_1 
_ndb_struct_na_base_pair_step.i_PDB_ins_code_1 
_ndb_struct_na_base_pair_step.j_auth_asym_id_1 
_ndb_struct_na_base_pair_step.j_auth_seq_id_1 
_ndb_struct_na_base_pair_step.j_PDB_ins_code_1 
_ndb_struct_na_base_pair_step.i_auth_asym_id_2 
_ndb_struct_na_base_pair_step.i_auth_seq_id_2 
_ndb_struct_na_base_pair_step.i_PDB_ins_code_2 
_ndb_struct_na_base_pair_step.j_auth_asym_id_2 
_ndb_struct_na_base_pair_step.j_auth_seq_id_2 
_ndb_struct_na_base_pair_step.j_PDB_ins_code_2 
1 A DT 7 1_555  A DA 11 10_565 A DG 8 1_555  A DA 10 10_565 0.075 1.921 3.034 3.378 5.516 59.474 1.665 0.085  3.184 5.542 -3.394 
59.793 1 AA_DT7DG8:DA10DA11_AA A 7 ? A 11 ? A 8 ? A 10 ? 
1 A DT 7 10_565 A DA 11 1_555  A DG 8 10_565 A DA 10 1_555  0.075 1.921 3.034 3.378 5.516 59.474 1.665 0.085  3.184 5.542 -3.394 
59.793 2 AA_DT7DG8:DA10DA11_AA A 7 ? A 11 ? A 8 ? A 10 ? 
1 B DT 7 1_555  B DA 11 15_465 B DG 8 1_555  B DA 10 15_465 1.502 1.396 2.940 1.141 3.972 57.547 1.252 -1.500 3.049 4.120 -1.184 
57.682 3 BB_DT7DG8:DA10DA11_BB B 7 ? B 11 ? B 8 ? B 10 ? 
1 B DT 7 15_465 B DA 11 1_555  B DG 8 15_465 B DA 10 1_555  1.502 1.396 2.940 1.141 3.972 57.547 1.252 -1.500 3.049 4.120 -1.184 
57.682 4 BB_DT7DG8:DA10DA11_BB B 7 ? B 11 ? B 8 ? B 10 ? 
# 
_pdbx_audit_support.funding_organization   'National Science Foundation (NSF, United States)' 
_pdbx_audit_support.country                'United States' 
_pdbx_audit_support.grant_number           1149665 
_pdbx_audit_support.ordinal                1 
# 
_atom_sites.entry_id                    6TZS 
_atom_sites.Cartn_transf_matrix[1][1]   ? 
_atom_sites.Cartn_transf_matrix[1][2]   ? 
_atom_sites.Cartn_transf_matrix[1][3]   ? 
_atom_sites.Cartn_transf_matrix[2][1]   ? 
_atom_sites.Cartn_transf_matrix[2][2]   ? 
_atom_sites.Cartn_transf_matrix[2][3]   ? 
_atom_sites.Cartn_transf_matrix[3][1]   ? 
_atom_sites.Cartn_transf_matrix[3][2]   ? 
_atom_sites.Cartn_transf_matrix[3][3]   ? 
_atom_sites.Cartn_transf_vector[1]      ? 
_atom_sites.Cartn_transf_vector[2]      ? 
_atom_sites.Cartn_transf_vector[3]      ? 
_atom_sites.fract_transf_matrix[1][1]   -0.01907020 
_atom_sites.fract_transf_matrix[1][2]   0.00159728 
_atom_sites.fract_transf_matrix[1][3]   0.00324412 
_atom_sites.fract_transf_matrix[2][1]   0.00332441 
_atom_sites.fract_transf_matrix[2][2]   0.01459546 
_atom_sites.fract_transf_matrix[2][3]   0.01235592 
_atom_sites.fract_transf_matrix[3][1]   -0.00065672 
_atom_sites.fract_transf_matrix[3][2]   0.00586035 
_atom_sites.fract_transf_matrix[3][3]   -0.00674586 
_atom_sites.fract_transf_vector[1]      -0.193405 
_atom_sites.fract_transf_vector[2]      0.645239 
_atom_sites.fract_transf_vector[3]      -0.006852 
_atom_sites.solution_primary            ? 
_atom_sites.solution_secondary          ? 
_atom_sites.solution_hydrogens          ? 
_atom_sites.special_details             ? 
# 
loop_
_atom_type.symbol 
BR 
C  
N  
O  
P  
# 
loop_
_atom_site.group_PDB 
_atom_site.id 
_atom_site.type_symbol 
_atom_site.label_atom_id 
_atom_site.label_alt_id 
_atom_site.label_comp_id 
_atom_site.label_asym_id 
_atom_site.label_entity_id 
_atom_site.label_seq_id 
_atom_site.pdbx_PDB_ins_code 
_atom_site.Cartn_x 
_atom_site.Cartn_y 
_atom_site.Cartn_z 
_atom_site.occupancy 
_atom_site.B_iso_or_equiv 
_atom_site.pdbx_formal_charge 
_atom_site.auth_seq_id 
_atom_site.auth_comp_id 
_atom_site.auth_asym_id 
_atom_site.auth_atom_id 
_atom_site.pdbx_PDB_model_num 
ATOM   1   O  "O5'" . DC  A 1 1  ? -15.079 -17.819 2.872   1.00 49.18 ? 1   DC  A "O5'" 1 
ATOM   2   C  "C5'" . DC  A 1 1  ? -14.974 -16.783 1.871   1.00 49.20 ? 1   DC  A "C5'" 1 
ATOM   3   C  "C4'" . DC  A 1 1  ? -15.029 -15.439 2.551   1.00 48.09 ? 1   DC  A "C4'" 1 
ATOM   4   O  "O4'" . DC  A 1 1  ? -15.541 -15.653 3.883   1.00 45.44 ? 1   DC  A "O4'" 1 
ATOM   5   C  "C3'" . DC  A 1 1  ? -13.669 -14.771 2.710   1.00 50.18 ? 1   DC  A "C3'" 1 
ATOM   6   O  "O3'" . DC  A 1 1  ? -13.658 -13.515 2.011   1.00 59.10 ? 1   DC  A "O3'" 1 
ATOM   7   C  "C2'" . DC  A 1 1  ? -13.448 -14.666 4.216   1.00 46.25 ? 1   DC  A "C2'" 1 
ATOM   8   C  "C1'" . DC  A 1 1  ? -14.790 -14.957 4.854   1.00 40.09 ? 1   DC  A "C1'" 1 
ATOM   9   N  N1    . DC  A 1 1  ? -14.733 -15.806 6.058   1.00 32.57 ? 1   DC  A N1    1 
ATOM   10  C  C2    . DC  A 1 1  ? -14.683 -15.199 7.316   1.00 30.12 ? 1   DC  A C2    1 
ATOM   11  O  O2    . DC  A 1 1  ? -14.663 -13.962 7.382   1.00 28.79 ? 1   DC  A O2    1 
ATOM   12  N  N3    . DC  A 1 1  ? -14.653 -15.973 8.426   1.00 28.89 ? 1   DC  A N3    1 
ATOM   13  C  C4    . DC  A 1 1  ? -14.676 -17.304 8.308   1.00 29.01 ? 1   DC  A C4    1 
ATOM   14  N  N4    . DC  A 1 1  ? -14.646 -18.033 9.427   1.00 28.19 ? 1   DC  A N4    1 
ATOM   15  C  C5    . DC  A 1 1  ? -14.749 -17.948 7.039   1.00 28.65 ? 1   DC  A C5    1 
ATOM   16  C  C6    . DC  A 1 1  ? -14.778 -17.167 5.952   1.00 29.58 ? 1   DC  A C6    1 
ATOM   17  P  P     . DC  A 1 2  ? -12.301 -13.011 1.257   1.00 68.91 ? 2   DC  A P     1 
ATOM   18  O  OP1   . DC  A 1 2  ? -11.902 -11.713 1.888   1.00 66.32 ? 2   DC  A OP1   1 
ATOM   19  O  OP2   . DC  A 1 2  ? -12.536 -13.067 -0.220  1.00 68.76 ? 2   DC  A OP2   1 
ATOM   20  O  "O5'" . DC  A 1 2  ? -11.261 -14.189 1.560   1.00 59.44 ? 2   DC  A "O5'" 1 
ATOM   21  C  "C5'" . DC  A 1 2  ? -9.850  -13.974 1.495   1.00 55.66 ? 2   DC  A "C5'" 1 
ATOM   22  C  "C4'" . DC  A 1 2  ? -9.429  -12.907 2.478   1.00 53.69 ? 2   DC  A "C4'" 1 
ATOM   23  O  "O4'" . DC  A 1 2  ? -9.939  -13.191 3.798   1.00 52.16 ? 2   DC  A "O4'" 1 
ATOM   24  C  "C3'" . DC  A 1 2  ? -7.919  -12.756 2.624   1.00 52.68 ? 2   DC  A "C3'" 1 
ATOM   25  O  "O3'" . DC  A 1 2  ? -7.561  -11.590 1.894   1.00 55.89 ? 2   DC  A "O3'" 1 
ATOM   26  C  "C2'" . DC  A 1 2  ? -7.694  -12.497 4.101   1.00 49.68 ? 2   DC  A "C2'" 1 
ATOM   27  C  "C1'" . DC  A 1 2  ? -8.910  -13.084 4.782   1.00 46.15 ? 2   DC  A "C1'" 1 
ATOM   28  N  N1    . DC  A 1 2  ? -8.726  -14.414 5.384   1.00 38.37 ? 2   DC  A N1    1 
ATOM   29  C  C2    . DC  A 1 2  ? -8.521  -14.509 6.764   1.00 35.37 ? 2   DC  A C2    1 
ATOM   30  O  O2    . DC  A 1 2  ? -8.439  -13.461 7.432   1.00 30.16 ? 2   DC  A O2    1 
ATOM   31  N  N3    . DC  A 1 2  ? -8.411  -15.733 7.332   1.00 31.90 ? 2   DC  A N3    1 
ATOM   32  C  C4    . DC  A 1 2  ? -8.495  -16.831 6.573   1.00 33.17 ? 2   DC  A C4    1 
ATOM   33  N  N4    . DC  A 1 2  ? -8.366  -18.020 7.165   1.00 33.44 ? 2   DC  A N4    1 
ATOM   34  C  C5    . DC  A 1 2  ? -8.711  -16.759 5.167   1.00 34.35 ? 2   DC  A C5    1 
ATOM   35  C  C6    . DC  A 1 2  ? -8.835  -15.543 4.622   1.00 35.92 ? 2   DC  A C6    1 
ATOM   36  P  P     . DA  A 1 3  ? -6.181  -11.537 1.168   1.00 59.76 ? 3   DA  A P     1 
ATOM   37  O  OP1   . DA  A 1 3  ? -6.140  -10.277 0.364   1.00 59.64 ? 3   DA  A OP1   1 
ATOM   38  O  OP2   . DA  A 1 3  ? -5.984  -12.855 0.496   1.00 57.19 ? 3   DA  A OP2   1 
ATOM   39  O  "O5'" . DA  A 1 3  ? -5.186  -11.353 2.398   1.00 54.33 ? 3   DA  A "O5'" 1 
ATOM   40  C  "C5'" . DA  A 1 3  ? -5.177  -10.127 3.160   1.00 52.89 ? 3   DA  A "C5'" 1 
ATOM   41  C  "C4'" . DA  A 1 3  ? -3.748  -9.752  3.461   1.00 51.25 ? 3   DA  A "C4'" 1 
ATOM   42  O  "O4'" . DA  A 1 3  ? -3.425  -10.255 4.786   1.00 48.49 ? 3   DA  A "O4'" 1 
ATOM   43  C  "C3'" . DA  A 1 3  ? -2.758  -10.446 2.519   1.00 52.01 ? 3   DA  A "C3'" 1 
ATOM   44  O  "O3'" . DA  A 1 3  ? -1.418  -9.929  2.581   1.00 57.20 ? 3   DA  A "O3'" 1 
ATOM   45  C  "C2'" . DA  A 1 3  ? -2.564  -11.768 3.227   1.00 49.18 ? 3   DA  A "C2'" 1 
ATOM   46  C  "C1'" . DA  A 1 3  ? -2.372  -11.194 4.617   1.00 44.24 ? 3   DA  A "C1'" 1 
ATOM   47  N  N9    . DA  A 1 3  ? -2.366  -12.130 5.732   1.00 37.24 ? 3   DA  A N9    1 
ATOM   48  C  C8    . DA  A 1 3  ? -2.297  -13.502 5.693   1.00 34.21 ? 3   DA  A C8    1 
ATOM   49  N  N7    . DA  A 1 3  ? -2.154  -14.056 6.872   1.00 33.37 ? 3   DA  A N7    1 
ATOM   50  C  C5    . DA  A 1 3  ? -2.085  -12.974 7.742   1.00 32.69 ? 3   DA  A C5    1 
ATOM   51  C  C6    . DA  A 1 3  ? -1.958  -12.889 9.142   1.00 32.53 ? 3   DA  A C6    1 
ATOM   52  N  N6    . DA  A 1 3  ? -1.865  -13.953 9.944   1.00 32.80 ? 3   DA  A N6    1 
ATOM   53  N  N1    . DA  A 1 3  ? -1.940  -11.656 9.697   1.00 32.17 ? 3   DA  A N1    1 
ATOM   54  C  C2    . DA  A 1 3  ? -2.035  -10.588 8.893   1.00 32.49 ? 3   DA  A C2    1 
ATOM   55  N  N3    . DA  A 1 3  ? -2.162  -10.543 7.566   1.00 32.57 ? 3   DA  A N3    1 
ATOM   56  C  C4    . DA  A 1 3  ? -2.189  -11.783 7.049   1.00 33.54 ? 3   DA  A C4    1 
ATOM   57  P  P     . DG  A 1 4  ? -0.905  -8.743  1.626   1.00 62.35 ? 4   DG  A P     1 
ATOM   58  O  OP1   . DG  A 1 4  ? -1.584  -8.892  0.290   1.00 57.74 ? 4   DG  A OP1   1 
ATOM   59  O  OP2   . DG  A 1 4  ? 0.584   -8.763  1.674   1.00 61.53 ? 4   DG  A OP2   1 
ATOM   60  O  "O5'" . DG  A 1 4  ? -1.319  -7.447  2.464   1.00 51.06 ? 4   DG  A "O5'" 1 
ATOM   61  C  "C5'" . DG  A 1 4  ? -0.329  -6.492  2.910   1.00 46.35 ? 4   DG  A "C5'" 1 
ATOM   62  C  "C4'" . DG  A 1 4  ? 0.458   -6.954  4.122   1.00 43.09 ? 4   DG  A "C4'" 1 
ATOM   63  O  "O4'" . DG  A 1 4  ? 0.232   -8.346  4.449   1.00 39.21 ? 4   DG  A "O4'" 1 
ATOM   64  C  "C3'" . DG  A 1 4  ? 1.981   -6.807  3.983   1.00 41.38 ? 4   DG  A "C3'" 1 
ATOM   65  O  "O3'" . DG  A 1 4  ? 2.505   -5.925  4.975   1.00 43.38 ? 4   DG  A "O3'" 1 
ATOM   66  C  "C2'" . DG  A 1 4  ? 2.523   -8.212  4.186   1.00 37.92 ? 4   DG  A "C2'" 1 
ATOM   67  C  "C1'" . DG  A 1 4  ? 1.438   -8.866  4.998   1.00 34.27 ? 4   DG  A "C1'" 1 
ATOM   68  N  N9    . DG  A 1 4  ? 1.382   -10.324 4.910   1.00 28.39 ? 4   DG  A N9    1 
ATOM   69  C  C8    . DG  A 1 4  ? 1.202   -11.072 3.770   1.00 26.77 ? 4   DG  A C8    1 
ATOM   70  N  N7    . DG  A 1 4  ? 1.077   -12.348 4.010   1.00 24.43 ? 4   DG  A N7    1 
ATOM   71  C  C5    . DG  A 1 4  ? 1.200   -12.450 5.388   1.00 23.77 ? 4   DG  A C5    1 
ATOM   72  C  C6    . DG  A 1 4  ? 1.168   -13.590 6.224   1.00 21.58 ? 4   DG  A C6    1 
ATOM   73  O  O6    . DG  A 1 4  ? 1.054   -14.773 5.905   1.00 20.80 ? 4   DG  A O6    1 
ATOM   74  N  N1    . DG  A 1 4  ? 1.276   -13.243 7.563   1.00 21.92 ? 4   DG  A N1    1 
ATOM   75  C  C2    . DG  A 1 4  ? 1.413   -11.965 8.040   1.00 22.82 ? 4   DG  A C2    1 
ATOM   76  N  N2    . DG  A 1 4  ? 1.521   -11.847 9.374   1.00 22.54 ? 4   DG  A N2    1 
ATOM   77  N  N3    . DG  A 1 4  ? 1.466   -10.888 7.265   1.00 22.93 ? 4   DG  A N3    1 
ATOM   78  C  C4    . DG  A 1 4  ? 1.370   -11.208 5.959   1.00 24.18 ? 4   DG  A C4    1 
ATOM   79  P  P     . DG  A 1 5  ? 2.796   -4.396  4.606   1.00 45.98 ? 5   DG  A P     1 
ATOM   80  O  OP1   . DG  A 1 5  ? 2.874   -4.270  3.133   1.00 43.56 ? 5   DG  A OP1   1 
ATOM   81  O  OP2   . DG  A 1 5  ? 3.918   -3.939  5.461   1.00 46.76 ? 5   DG  A OP2   1 
ATOM   82  O  "O5'" . DG  A 1 5  ? 1.494   -3.650  5.123   1.00 45.39 ? 5   DG  A "O5'" 1 
ATOM   83  C  "C5'" . DG  A 1 5  ? 1.174   -3.692  6.518   1.00 47.02 ? 5   DG  A "C5'" 1 
ATOM   84  C  "C4'" . DG  A 1 5  ? 0.044   -2.735  6.802   1.00 47.27 ? 5   DG  A "C4'" 1 
ATOM   85  O  "O4'" . DG  A 1 5  ? 0.417   -1.433  6.307   1.00 46.57 ? 5   DG  A "O4'" 1 
ATOM   86  C  "C3'" . DG  A 1 5  ? -1.256  -3.098  6.100   1.00 48.29 ? 5   DG  A "C3'" 1 
ATOM   87  O  "O3'" . DG  A 1 5  ? -2.392  -2.843  6.907   1.00 51.43 ? 5   DG  A "O3'" 1 
ATOM   88  C  "C2'" . DG  A 1 5  ? -1.268  -2.209  4.876   1.00 48.39 ? 5   DG  A "C2'" 1 
ATOM   89  C  "C1'" . DG  A 1 5  ? -0.493  -0.991  5.321   1.00 47.19 ? 5   DG  A "C1'" 1 
ATOM   90  N  N9    . DG  A 1 5  ? 0.280   -0.346  4.267   1.00 46.32 ? 5   DG  A N9    1 
ATOM   91  C  C8    . DG  A 1 5  ? 1.091   -0.949  3.335   1.00 45.93 ? 5   DG  A C8    1 
ATOM   92  N  N7    . DG  A 1 5  ? 1.675   -0.097  2.537   1.00 45.19 ? 5   DG  A N7    1 
ATOM   93  C  C5    . DG  A 1 5  ? 1.238   1.142   2.979   1.00 45.51 ? 5   DG  A C5    1 
ATOM   94  C  C6    . DG  A 1 5  ? 1.527   2.438   2.494   1.00 45.92 ? 5   DG  A C6    1 
ATOM   95  O  O6    . DG  A 1 5  ? 2.263   2.759   1.557   1.00 47.60 ? 5   DG  A O6    1 
ATOM   96  N  N1    . DG  A 1 5  ? 0.860   3.419   3.221   1.00 47.12 ? 5   DG  A N1    1 
ATOM   97  C  C2    . DG  A 1 5  ? 0.023   3.180   4.288   1.00 49.20 ? 5   DG  A C2    1 
ATOM   98  N  N2    . DG  A 1 5  ? -0.527  4.262   4.870   1.00 49.11 ? 5   DG  A N2    1 
ATOM   99  N  N3    . DG  A 1 5  ? -0.264  1.969   4.744   1.00 47.09 ? 5   DG  A N3    1 
ATOM   100 C  C4    . DG  A 1 5  ? 0.372   1.006   4.044   1.00 46.24 ? 5   DG  A C4    1 
ATOM   101 P  P     . DC  A 1 6  ? -3.808  -3.420  6.451   1.00 59.22 ? 6   DC  A P     1 
ATOM   102 O  OP1   . DC  A 1 6  ? -4.606  -3.674  7.683   1.00 58.42 ? 6   DC  A OP1   1 
ATOM   103 O  OP2   . DC  A 1 6  ? -3.600  -4.503  5.436   1.00 54.83 ? 6   DC  A OP2   1 
ATOM   104 O  "O5'" . DC  A 1 6  ? -4.447  -2.174  5.710   1.00 53.67 ? 6   DC  A "O5'" 1 
ATOM   105 C  "C5'" . DC  A 1 6  ? -4.791  -1.047  6.500   1.00 52.94 ? 6   DC  A "C5'" 1 
ATOM   106 C  "C4'" . DC  A 1 6  ? -5.006  0.121   5.580   1.00 50.85 ? 6   DC  A "C4'" 1 
ATOM   107 O  "O4'" . DC  A 1 6  ? -3.829  0.298   4.780   1.00 48.32 ? 6   DC  A "O4'" 1 
ATOM   108 C  "C3'" . DC  A 1 6  ? -6.149  -0.105  4.597   1.00 50.86 ? 6   DC  A "C3'" 1 
ATOM   109 O  "O3'" . DC  A 1 6  ? -7.195  0.768   4.994   1.00 52.94 ? 6   DC  A "O3'" 1 
ATOM   110 C  "C2'" . DC  A 1 6  ? -5.561  0.243   3.241   1.00 49.96 ? 6   DC  A "C2'" 1 
ATOM   111 C  "C1'" . DC  A 1 6  ? -4.239  0.904   3.584   1.00 48.49 ? 6   DC  A "C1'" 1 
ATOM   112 N  N1    . DC  A 1 6  ? -3.160  0.728   2.605   1.00 47.75 ? 6   DC  A N1    1 
ATOM   113 C  C2    . DC  A 1 6  ? -2.407  1.843   2.240   1.00 45.35 ? 6   DC  A C2    1 
ATOM   114 O  O2    . DC  A 1 6  ? -2.695  2.945   2.731   1.00 43.66 ? 6   DC  A O2    1 
ATOM   115 N  N3    . DC  A 1 6  ? -1.401  1.699   1.347   1.00 44.10 ? 6   DC  A N3    1 
ATOM   116 C  C4    . DC  A 1 6  ? -1.117  0.491   0.853   1.00 45.08 ? 6   DC  A C4    1 
ATOM   117 N  N4    . DC  A 1 6  ? -0.106  0.392   -0.011  1.00 45.78 ? 6   DC  A N4    1 
ATOM   118 C  C5    . DC  A 1 6  ? -1.855  -0.667  1.227   1.00 45.54 ? 6   DC  A C5    1 
ATOM   119 C  C6    . DC  A 1 6  ? -2.858  -0.506  2.097   1.00 46.98 ? 6   DC  A C6    1 
ATOM   120 P  P     . DT  A 1 7  ? -8.667  0.509   4.511   1.00 56.33 ? 7   DT  A P     1 
ATOM   121 O  OP1   . DT  A 1 7  ? -9.518  0.345   5.729   1.00 54.72 ? 7   DT  A OP1   1 
ATOM   122 O  OP2   . DT  A 1 7  ? -8.650  -0.552  3.463   1.00 56.03 ? 7   DT  A OP2   1 
ATOM   123 O  "O5'" . DT  A 1 7  ? -8.999  1.863   3.754   1.00 53.70 ? 7   DT  A "O5'" 1 
ATOM   124 C  "C5'" . DT  A 1 7  ? -9.675  2.930   4.427   1.00 53.60 ? 7   DT  A "C5'" 1 
ATOM   125 C  "C4'" . DT  A 1 7  ? -10.279 3.816   3.370   1.00 53.59 ? 7   DT  A "C4'" 1 
ATOM   126 O  "O4'" . DT  A 1 7  ? -9.212  4.300   2.533   1.00 52.09 ? 7   DT  A "O4'" 1 
ATOM   127 C  "C3'" . DT  A 1 7  ? -11.191 3.065   2.411   1.00 53.97 ? 7   DT  A "C3'" 1 
ATOM   128 O  "O3'" . DT  A 1 7  ? -12.486 2.824   2.988   1.00 57.50 ? 7   DT  A "O3'" 1 
ATOM   129 C  "C2'" . DT  A 1 7  ? -11.092 3.904   1.152   1.00 52.15 ? 7   DT  A "C2'" 1 
ATOM   130 C  "C1'" . DT  A 1 7  ? -9.713  4.554   1.235   1.00 49.90 ? 7   DT  A "C1'" 1 
ATOM   131 N  N1    . DT  A 1 7  ? -8.744  4.030   0.258   1.00 46.86 ? 7   DT  A N1    1 
ATOM   132 C  C2    . DT  A 1 7  ? -8.571  4.728   -0.922  1.00 47.55 ? 7   DT  A C2    1 
ATOM   133 O  O2    . DT  A 1 7  ? -9.165  5.767   -1.178  1.00 47.67 ? 7   DT  A O2    1 
ATOM   134 N  N3    . DT  A 1 7  ? -7.668  4.166   -1.792  1.00 44.13 ? 7   DT  A N3    1 
ATOM   135 C  C4    . DT  A 1 7  ? -6.951  3.000   -1.610  1.00 42.22 ? 7   DT  A C4    1 
ATOM   136 O  O4    . DT  A 1 7  ? -6.178  2.616   -2.481  1.00 40.09 ? 7   DT  A O4    1 
ATOM   137 C  C5    . DT  A 1 7  ? -7.185  2.320   -0.357  1.00 42.92 ? 7   DT  A C5    1 
ATOM   138 C  C7    . DT  A 1 7  ? -6.433  1.062   -0.066  1.00 43.68 ? 7   DT  A C7    1 
ATOM   139 C  C6    . DT  A 1 7  ? -8.062  2.859   0.501   1.00 43.50 ? 7   DT  A C6    1 
ATOM   140 P  P     . DG  A 1 8  ? -13.642 3.940   2.962   1.00 60.53 ? 8   DG  A P     1 
ATOM   141 O  OP1   . DG  A 1 8  ? -13.013 5.265   3.231   1.00 60.45 ? 8   DG  A OP1   1 
ATOM   142 O  OP2   . DG  A 1 8  ? -14.745 3.471   3.847   1.00 57.63 ? 8   DG  A OP2   1 
ATOM   143 O  "O5'" . DG  A 1 8  ? -14.142 3.862   1.455   1.00 52.33 ? 8   DG  A "O5'" 1 
ATOM   144 C  "C5'" . DG  A 1 8  ? -14.073 4.990   0.584   1.00 49.71 ? 8   DG  A "C5'" 1 
ATOM   145 C  "C4'" . DG  A 1 8  ? -13.901 4.491   -0.828  1.00 48.85 ? 8   DG  A "C4'" 1 
ATOM   146 O  "O4'" . DG  A 1 8  ? -12.666 3.758   -0.938  1.00 48.73 ? 8   DG  A "O4'" 1 
ATOM   147 C  "C3'" . DG  A 1 8  ? -15.012 3.540   -1.275  1.00 48.77 ? 8   DG  A "C3'" 1 
ATOM   148 O  "O3'" . DG  A 1 8  ? -15.752 4.254   -2.259  1.00 49.76 ? 8   DG  A "O3'" 1 
ATOM   149 C  "C2'" . DG  A 1 8  ? -14.295 2.257   -1.682  1.00 47.53 ? 8   DG  A "C2'" 1 
ATOM   150 C  "C1'" . DG  A 1 8  ? -12.838 2.657   -1.811  1.00 46.67 ? 8   DG  A "C1'" 1 
ATOM   151 N  N9    . DG  A 1 8  ? -11.887 1.623   -1.409  1.00 42.93 ? 8   DG  A N9    1 
ATOM   152 C  C8    . DG  A 1 8  ? -11.970 0.819   -0.299  1.00 40.81 ? 8   DG  A C8    1 
ATOM   153 N  N7    . DG  A 1 8  ? -10.956 0.005   -0.180  1.00 40.10 ? 8   DG  A N7    1 
ATOM   154 C  C5    . DG  A 1 8  ? -10.165 0.277   -1.286  1.00 40.07 ? 8   DG  A C5    1 
ATOM   155 C  C6    . DG  A 1 8  ? -8.932  -0.294  -1.697  1.00 40.87 ? 8   DG  A C6    1 
ATOM   156 O  O6    . DG  A 1 8  ? -8.269  -1.181  -1.142  1.00 42.42 ? 8   DG  A O6    1 
ATOM   157 N  N1    . DG  A 1 8  ? -8.471  0.278   -2.877  1.00 40.29 ? 8   DG  A N1    1 
ATOM   158 C  C2    . DG  A 1 8  ? -9.096  1.290   -3.560  1.00 40.95 ? 8   DG  A C2    1 
ATOM   159 N  N2    . DG  A 1 8  ? -8.480  1.721   -4.669  1.00 40.36 ? 8   DG  A N2    1 
ATOM   160 N  N3    . DG  A 1 8  ? -10.247 1.833   -3.187  1.00 40.90 ? 8   DG  A N3    1 
ATOM   161 C  C4    . DG  A 1 8  ? -10.719 1.283   -2.048  1.00 40.90 ? 8   DG  A C4    1 
HETATM 162 BR BR    . CBR A 1 9  ? -13.881 -1.125  -2.762  1.00 47.42 ? 9   CBR A BR    1 
HETATM 163 P  P     . CBR A 1 9  ? -16.270 3.535   -3.560  1.00 52.70 ? 9   CBR A P     1 
HETATM 164 O  OP1   . CBR A 1 9  ? -17.360 4.402   -4.155  1.00 53.13 ? 9   CBR A OP1   1 
HETATM 165 O  OP2   . CBR A 1 9  ? -16.680 2.112   -3.178  1.00 51.36 ? 9   CBR A OP2   1 
HETATM 166 O  "O5'" . CBR A 1 9  ? -14.990 3.626   -4.540  1.00 46.74 ? 9   CBR A "O5'" 1 
HETATM 167 N  N1    . CBR A 1 9  ? -11.896 0.694   -5.889  1.00 40.50 ? 9   CBR A N1    1 
HETATM 168 C  C6    . CBR A 1 9  ? -12.805 0.418   -4.931  1.00 41.08 ? 9   CBR A C6    1 
HETATM 169 C  C2    . CBR A 1 9  ? -10.778 -0.154  -6.064  1.00 38.12 ? 9   CBR A C2    1 
HETATM 170 O  O2    . CBR A 1 9  ? -9.952  0.063   -6.940  1.00 35.48 ? 9   CBR A O2    1 
HETATM 171 N  N3    . CBR A 1 9  ? -10.551 -1.226  -5.293  1.00 38.59 ? 9   CBR A N3    1 
HETATM 172 C  C4    . CBR A 1 9  ? -11.427 -1.525  -4.324  1.00 41.56 ? 9   CBR A C4    1 
HETATM 173 N  N4    . CBR A 1 9  ? -11.203 -2.600  -3.560  1.00 41.32 ? 9   CBR A N4    1 
HETATM 174 C  C5    . CBR A 1 9  ? -12.632 -0.690  -4.116  1.00 41.81 ? 9   CBR A C5    1 
HETATM 175 C  "C2'" . CBR A 1 9  ? -12.822 1.591   -8.031  1.00 43.47 ? 9   CBR A "C2'" 1 
HETATM 176 C  "C5'" . CBR A 1 9  ? -15.269 3.261   -5.876  1.00 44.09 ? 9   CBR A "C5'" 1 
HETATM 177 C  "C4'" . CBR A 1 9  ? -14.016 3.213   -6.717  1.00 44.31 ? 9   CBR A "C4'" 1 
HETATM 178 O  "O4'" . CBR A 1 9  ? -12.801 2.894   -6.047  1.00 43.29 ? 9   CBR A "O4'" 1 
HETATM 179 C  "C1'" . CBR A 1 9  ? -12.070 1.879   -6.754  1.00 42.28 ? 9   CBR A "C1'" 1 
HETATM 180 C  "C3'" . CBR A 1 9  ? -14.197 2.133   -7.743  1.00 45.37 ? 9   CBR A "C3'" 1 
HETATM 181 O  "O3'" . CBR A 1 9  ? -14.748 2.814   -8.847  1.00 49.91 ? 9   CBR A "O3'" 1 
ATOM   182 P  P     . DA  A 1 10 ? -15.948 2.192   -9.664  1.00 52.18 ? 10  DA  A P     1 
ATOM   183 O  OP1   . DA  A 1 10 ? -16.588 3.313   -10.407 1.00 53.08 ? 10  DA  A OP1   1 
ATOM   184 O  OP2   . DA  A 1 10 ? -16.759 1.352   -8.739  1.00 49.84 ? 10  DA  A OP2   1 
ATOM   185 O  "O5'" . DA  A 1 10 ? -15.185 1.242   -10.687 1.00 48.55 ? 10  DA  A "O5'" 1 
ATOM   186 C  "C5'" . DA  A 1 10 ? -13.883 1.607   -11.140 1.00 47.05 ? 10  DA  A "C5'" 1 
ATOM   187 C  "C4'" . DA  A 1 10 ? -13.921 1.843   -12.626 1.00 48.45 ? 10  DA  A "C4'" 1 
ATOM   188 O  "O4'" . DA  A 1 10 ? -13.204 0.775   -13.273 1.00 48.78 ? 10  DA  A "O4'" 1 
ATOM   189 C  "C3'" . DA  A 1 10 ? -15.320 1.833   -13.235 1.00 50.92 ? 10  DA  A "C3'" 1 
ATOM   190 O  "O3'" . DA  A 1 10 ? -15.396 2.841   -14.257 1.00 56.03 ? 10  DA  A "O3'" 1 
ATOM   191 C  "C2'" . DA  A 1 10 ? -15.504 0.376   -13.637 1.00 50.23 ? 10  DA  A "C2'" 1 
ATOM   192 C  "C1'" . DA  A 1 10 ? -14.096 -0.158  -13.864 1.00 47.79 ? 10  DA  A "C1'" 1 
ATOM   193 N  N9    . DA  A 1 10 ? -13.819 -1.478  -13.283 1.00 46.29 ? 10  DA  A N9    1 
ATOM   194 C  C8    . DA  A 1 10 ? -14.213 -1.970  -12.061 1.00 44.79 ? 10  DA  A C8    1 
ATOM   195 N  N7    . DA  A 1 10 ? -13.787 -3.188  -11.819 1.00 43.62 ? 10  DA  A N7    1 
ATOM   196 C  C5    . DA  A 1 10 ? -13.064 -3.521  -12.956 1.00 43.35 ? 10  DA  A C5    1 
ATOM   197 C  C6    . DA  A 1 10 ? -12.350 -4.679  -13.321 1.00 42.74 ? 10  DA  A C6    1 
ATOM   198 N  N6    . DA  A 1 10 ? -12.250 -5.766  -12.552 1.00 43.61 ? 10  DA  A N6    1 
ATOM   199 N  N1    . DA  A 1 10 ? -11.740 -4.687  -14.524 1.00 42.12 ? 10  DA  A N1    1 
ATOM   200 C  C2    . DA  A 1 10 ? -11.838 -3.598  -15.299 1.00 43.31 ? 10  DA  A C2    1 
ATOM   201 N  N3    . DA  A 1 10 ? -12.467 -2.448  -15.064 1.00 43.78 ? 10  DA  A N3    1 
ATOM   202 C  C4    . DA  A 1 10 ? -13.072 -2.476  -13.864 1.00 44.40 ? 10  DA  A C4    1 
ATOM   203 P  P     . DA  A 1 11 ? -16.405 2.710   -15.512 1.00 59.20 ? 11  DA  A P     1 
ATOM   204 O  OP1   . DA  A 1 11 ? -16.731 4.092   -15.971 1.00 59.61 ? 11  DA  A OP1   1 
ATOM   205 O  OP2   . DA  A 1 11 ? -17.529 1.820   -15.123 1.00 58.89 ? 11  DA  A OP2   1 
ATOM   206 O  "O5'" . DA  A 1 11 ? -15.497 1.970   -16.594 1.00 57.20 ? 11  DA  A "O5'" 1 
ATOM   207 C  "C5'" . DA  A 1 11 ? -16.086 1.201   -17.651 1.00 60.49 ? 11  DA  A "C5'" 1 
ATOM   208 C  "C4'" . DA  A 1 11 ? -15.448 -0.166  -17.704 1.00 62.11 ? 11  DA  A "C4'" 1 
ATOM   209 O  "O4'" . DA  A 1 11 ? -15.530 -0.771  -16.394 1.00 62.45 ? 11  DA  A "O4'" 1 
ATOM   210 C  "C3'" . DA  A 1 11 ? -16.116 -1.164  -18.653 1.00 62.57 ? 11  DA  A "C3'" 1 
ATOM   211 O  "O3'" . DA  A 1 11 ? -15.114 -2.018  -19.226 1.00 61.44 ? 11  DA  A "O3'" 1 
ATOM   212 C  "C2'" . DA  A 1 11 ? -17.023 -1.949  -17.725 1.00 61.96 ? 11  DA  A "C2'" 1 
ATOM   213 C  "C1'" . DA  A 1 11 ? -16.106 -2.057  -16.529 1.00 60.91 ? 11  DA  A "C1'" 1 
ATOM   214 N  N9    . DA  A 1 11 ? -16.713 -2.414  -15.252 1.00 58.00 ? 11  DA  A N9    1 
ATOM   215 C  C8    . DA  A 1 11 ? -17.583 -1.703  -14.463 1.00 57.79 ? 11  DA  A C8    1 
ATOM   216 N  N7    . DA  A 1 11 ? -17.882 -2.301  -13.335 1.00 56.87 ? 11  DA  A N7    1 
ATOM   217 C  C5    . DA  A 1 11 ? -17.164 -3.487  -13.388 1.00 57.28 ? 11  DA  A C5    1 
ATOM   218 C  C6    . DA  A 1 11 ? -17.060 -4.573  -12.500 1.00 56.50 ? 11  DA  A C6    1 
ATOM   219 N  N6    . DA  A 1 11 ? -17.715 -4.643  -11.339 1.00 55.32 ? 11  DA  A N6    1 
ATOM   220 N  N1    . DA  A 1 11 ? -16.243 -5.594  -12.849 1.00 56.59 ? 11  DA  A N1    1 
ATOM   221 C  C2    . DA  A 1 11 ? -15.596 -5.527  -14.020 1.00 55.68 ? 11  DA  A C2    1 
ATOM   222 N  N3    . DA  A 1 11 ? -15.619 -4.566  -14.940 1.00 56.42 ? 11  DA  A N3    1 
ATOM   223 C  C4    . DA  A 1 11 ? -16.430 -3.564  -14.559 1.00 56.58 ? 11  DA  A C4    1 
ATOM   224 O  "O5'" . DC  B 1 1  ? 7.323   -4.957  -16.643 1.00 46.44 ? 1   DC  B "O5'" 1 
ATOM   225 C  "C5'" . DC  B 1 1  ? 7.518   -5.994  -15.664 1.00 45.57 ? 1   DC  B "C5'" 1 
ATOM   226 C  "C4'" . DC  B 1 1  ? 8.997   -6.179  -15.430 1.00 43.44 ? 1   DC  B "C4'" 1 
ATOM   227 O  "O4'" . DC  B 1 1  ? 9.635   -6.014  -16.700 1.00 40.41 ? 1   DC  B "O4'" 1 
ATOM   228 C  "C3'" . DC  B 1 1  ? 9.614   -5.128  -14.520 1.00 45.40 ? 1   DC  B "C3'" 1 
ATOM   229 O  "O3'" . DC  B 1 1  ? 9.753   -5.681  -13.212 1.00 52.50 ? 1   DC  B "O3'" 1 
ATOM   230 C  "C2'" . DC  B 1 1  ? 10.970  -4.843  -15.137 1.00 42.79 ? 1   DC  B "C2'" 1 
ATOM   231 C  "C1'" . DC  B 1 1  ? 10.847  -5.289  -16.583 1.00 37.97 ? 1   DC  B "C1'" 1 
ATOM   232 N  N1    . DC  B 1 1  ? 10.849  -4.248  -17.628 1.00 31.68 ? 1   DC  B N1    1 
ATOM   233 C  C2    . DC  B 1 1  ? 12.077  -3.843  -18.154 1.00 28.43 ? 1   DC  B C2    1 
ATOM   234 O  O2    . DC  B 1 1  ? 13.112  -4.307  -17.665 1.00 26.63 ? 1   DC  B O2    1 
ATOM   235 N  N3    . DC  B 1 1  ? 12.103  -2.954  -19.176 1.00 26.33 ? 1   DC  B N3    1 
ATOM   236 C  C4    . DC  B 1 1  ? 10.956  -2.488  -19.680 1.00 27.22 ? 1   DC  B C4    1 
ATOM   237 N  N4    . DC  B 1 1  ? 11.021  -1.595  -20.671 1.00 26.14 ? 1   DC  B N4    1 
ATOM   238 C  C5    . DC  B 1 1  ? 9.686   -2.905  -19.178 1.00 27.83 ? 1   DC  B C5    1 
ATOM   239 C  C6    . DC  B 1 1  ? 9.680   -3.787  -18.170 1.00 29.06 ? 1   DC  B C6    1 
ATOM   240 P  P     . DC  B 1 2  ? 9.000   -4.987  -11.978 1.00 59.89 ? 2   DC  B P     1 
ATOM   241 O  OP1   . DC  B 1 2  ? 8.520   -6.065  -11.047 1.00 57.27 ? 2   DC  B OP1   1 
ATOM   242 O  OP2   . DC  B 1 2  ? 8.025   -4.000  -12.540 1.00 56.73 ? 2   DC  B OP2   1 
ATOM   243 O  "O5'" . DC  B 1 2  ? 10.199  -4.219  -11.267 1.00 54.98 ? 2   DC  B "O5'" 1 
ATOM   244 C  "C5'" . DC  B 1 2  ? 10.483  -2.859  -11.602 1.00 51.86 ? 2   DC  B "C5'" 1 
ATOM   245 C  "C4'" . DC  B 1 2  ? 11.817  -2.460  -11.019 1.00 50.21 ? 2   DC  B "C4'" 1 
ATOM   246 O  "O4'" . DC  B 1 2  ? 12.705  -2.109  -12.107 1.00 49.63 ? 2   DC  B "O4'" 1 
ATOM   247 C  "C3'" . DC  B 1 2  ? 11.762  -1.263  -10.068 1.00 49.09 ? 2   DC  B "C3'" 1 
ATOM   248 O  "O3'" . DC  B 1 2  ? 12.100  -1.696  -8.742  1.00 53.17 ? 2   DC  B "O3'" 1 
ATOM   249 C  "C2'" . DC  B 1 2  ? 12.860  -0.341  -10.561 1.00 48.37 ? 2   DC  B "C2'" 1 
ATOM   250 C  "C1'" . DC  B 1 2  ? 13.151  -0.772  -11.989 1.00 44.38 ? 2   DC  B "C1'" 1 
ATOM   251 N  N1    . DC  B 1 2  ? 12.477  0.052   -13.017 1.00 39.56 ? 2   DC  B N1    1 
ATOM   252 C  C2    . DC  B 1 2  ? 13.269  0.801   -13.892 1.00 37.14 ? 2   DC  B C2    1 
ATOM   253 O  O2    . DC  B 1 2  ? 14.500  0.686   -13.832 1.00 38.41 ? 2   DC  B O2    1 
ATOM   254 N  N3    . DC  B 1 2  ? 12.673  1.602   -14.803 1.00 34.77 ? 2   DC  B N3    1 
ATOM   255 C  C4    . DC  B 1 2  ? 11.343  1.702   -14.832 1.00 36.51 ? 2   DC  B C4    1 
ATOM   256 N  N4    . DC  B 1 2  ? 10.796  2.515   -15.740 1.00 36.99 ? 2   DC  B N4    1 
ATOM   257 C  C5    . DC  B 1 2  ? 10.512  0.967   -13.937 1.00 36.90 ? 2   DC  B C5    1 
ATOM   258 C  C6    . DC  B 1 2  ? 11.116  0.176   -13.042 1.00 37.32 ? 2   DC  B C6    1 
ATOM   259 P  P     . DA  B 1 3  ? 11.786  -0.780  -7.432  1.00 54.65 ? 3   DA  B P     1 
ATOM   260 O  OP1   . DA  B 1 3  ? 11.955  -1.643  -6.235  1.00 51.56 ? 3   DA  B OP1   1 
ATOM   261 O  OP2   . DA  B 1 3  ? 10.499  -0.064  -7.653  1.00 52.15 ? 3   DA  B OP2   1 
ATOM   262 O  "O5'" . DA  B 1 3  ? 12.945  0.320   -7.449  1.00 51.03 ? 3   DA  B "O5'" 1 
ATOM   263 C  "C5'" . DA  B 1 3  ? 14.295  -0.010  -7.084  1.00 49.67 ? 3   DA  B "C5'" 1 
ATOM   264 C  "C4'" . DA  B 1 3  ? 14.981  1.170   -6.432  1.00 49.05 ? 3   DA  B "C4'" 1 
ATOM   265 O  "O4'" . DA  B 1 3  ? 15.393  2.139   -7.425  1.00 47.96 ? 3   DA  B "O4'" 1 
ATOM   266 C  "C3'" . DA  B 1 3  ? 14.159  1.936   -5.387  1.00 47.80 ? 3   DA  B "C3'" 1 
ATOM   267 O  "O3'" . DA  B 1 3  ? 14.817  1.750   -4.132  1.00 47.98 ? 3   DA  B "O3'" 1 
ATOM   268 C  "C2'" . DA  B 1 3  ? 14.148  3.378   -5.881  1.00 46.03 ? 3   DA  B "C2'" 1 
ATOM   269 C  "C1'" . DA  B 1 3  ? 15.296  3.442   -6.878  1.00 44.92 ? 3   DA  B "C1'" 1 
ATOM   270 N  N9    . DA  B 1 3  ? 15.109  4.367   -7.997  1.00 41.90 ? 3   DA  B N9    1 
ATOM   271 C  C8    . DA  B 1 3  ? 13.930  4.734   -8.603  1.00 41.55 ? 3   DA  B C8    1 
ATOM   272 N  N7    . DA  B 1 3  ? 14.092  5.538   -9.626  1.00 40.64 ? 3   DA  B N7    1 
ATOM   273 C  C5    . DA  B 1 3  ? 15.470  5.695   -9.711  1.00 38.84 ? 3   DA  B C5    1 
ATOM   274 C  C6    . DA  B 1 3  ? 16.285  6.432   -10.587 1.00 37.71 ? 3   DA  B C6    1 
ATOM   275 N  N6    . DA  B 1 3  ? 15.808  7.184   -11.583 1.00 37.96 ? 3   DA  B N6    1 
ATOM   276 N  N1    . DA  B 1 3  ? 17.621  6.392   -10.387 1.00 36.77 ? 3   DA  B N1    1 
ATOM   277 C  C2    . DA  B 1 3  ? 18.096  5.650   -9.379  1.00 36.97 ? 3   DA  B C2    1 
ATOM   278 N  N3    . DA  B 1 3  ? 17.430  4.921   -8.485  1.00 37.72 ? 3   DA  B N3    1 
ATOM   279 C  C4    . DA  B 1 3  ? 16.107  4.980   -8.714  1.00 38.31 ? 3   DA  B C4    1 
ATOM   280 P  P     . DG  B 1 4  ? 14.310  2.479   -2.802  1.00 48.40 ? 4   DG  B P     1 
ATOM   281 O  OP1   . DG  B 1 4  ? 14.503  1.524   -1.682  1.00 51.07 ? 4   DG  B OP1   1 
ATOM   282 O  OP2   . DG  B 1 4  ? 12.973  3.083   -3.038  1.00 45.26 ? 4   DG  B OP2   1 
ATOM   283 O  "O5'" . DG  B 1 4  ? 15.376  3.645   -2.648  1.00 46.84 ? 4   DG  B "O5'" 1 
ATOM   284 C  "C5'" . DG  B 1 4  ? 16.783  3.397   -2.848  1.00 44.43 ? 4   DG  B "C5'" 1 
ATOM   285 C  "C4'" . DG  B 1 4  ? 17.488  4.729   -2.950  1.00 43.02 ? 4   DG  B "C4'" 1 
ATOM   286 O  "O4'" . DG  B 1 4  ? 17.079  5.379   -4.186  1.00 40.98 ? 4   DG  B "O4'" 1 
ATOM   287 C  "C3'" . DG  B 1 4  ? 17.127  5.695   -1.815  1.00 42.11 ? 4   DG  B "C3'" 1 
ATOM   288 O  "O3'" . DG  B 1 4  ? 18.283  6.427   -1.379  1.00 42.39 ? 4   DG  B "O3'" 1 
ATOM   289 C  "C2'" . DG  B 1 4  ? 16.067  6.579   -2.448  1.00 41.85 ? 4   DG  B "C2'" 1 
ATOM   290 C  "C1'" . DG  B 1 4  ? 16.554  6.660   -3.889  1.00 40.00 ? 4   DG  B "C1'" 1 
ATOM   291 N  N9    . DG  B 1 4  ? 15.510  6.983   -4.859  1.00 37.13 ? 4   DG  B N9    1 
ATOM   292 C  C8    . DG  B 1 4  ? 14.156  6.816   -4.681  1.00 36.78 ? 4   DG  B C8    1 
ATOM   293 N  N7    . DG  B 1 4  ? 13.450  7.257   -5.686  1.00 35.78 ? 4   DG  B N7    1 
ATOM   294 C  C5    . DG  B 1 4  ? 14.388  7.786   -6.561  1.00 34.83 ? 4   DG  B C5    1 
ATOM   295 C  C6    . DG  B 1 4  ? 14.213  8.425   -7.814  1.00 33.27 ? 4   DG  B C6    1 
ATOM   296 O  O6    . DG  B 1 4  ? 13.160  8.650   -8.419  1.00 33.72 ? 4   DG  B O6    1 
ATOM   297 N  N1    . DG  B 1 4  ? 15.428  8.816   -8.366  1.00 31.30 ? 4   DG  B N1    1 
ATOM   298 C  C2    . DG  B 1 4  ? 16.654  8.627   -7.781  1.00 33.07 ? 4   DG  B C2    1 
ATOM   299 N  N2    . DG  B 1 4  ? 17.711  9.068   -8.474  1.00 33.16 ? 4   DG  B N2    1 
ATOM   300 N  N3    . DG  B 1 4  ? 16.833  8.035   -6.607  1.00 34.86 ? 4   DG  B N3    1 
ATOM   301 C  C4    . DG  B 1 4  ? 15.663  7.645   -6.056  1.00 35.35 ? 4   DG  B C4    1 
ATOM   302 P  P     . DG  B 1 5  ? 18.262  7.334   -0.036  1.00 43.33 ? 5   DG  B P     1 
ATOM   303 O  OP1   . DG  B 1 5  ? 16.988  8.092   0.046   1.00 41.20 ? 5   DG  B OP1   1 
ATOM   304 O  OP2   . DG  B 1 5  ? 19.559  8.056   0.029   1.00 44.66 ? 5   DG  B OP2   1 
ATOM   305 O  "O5'" . DG  B 1 5  ? 18.212  6.263   1.138   1.00 42.24 ? 5   DG  B "O5'" 1 
ATOM   306 C  "C5'" . DG  B 1 5  ? 19.281  5.343   1.357   1.00 42.50 ? 5   DG  B "C5'" 1 
ATOM   307 C  "C4'" . DG  B 1 5  ? 19.014  4.625   2.655   1.00 44.64 ? 5   DG  B "C4'" 1 
ATOM   308 O  "O4'" . DG  B 1 5  ? 19.080  5.588   3.736   1.00 46.09 ? 5   DG  B "O4'" 1 
ATOM   309 C  "C3'" . DG  B 1 5  ? 17.622  4.006   2.733   1.00 45.98 ? 5   DG  B "C3'" 1 
ATOM   310 O  "O3'" . DG  B 1 5  ? 17.597  2.775   3.459   1.00 47.51 ? 5   DG  B "O3'" 1 
ATOM   311 C  "C2'" . DG  B 1 5  ? 16.808  5.046   3.478   1.00 46.07 ? 5   DG  B "C2'" 1 
ATOM   312 C  "C1'" . DG  B 1 5  ? 17.832  5.657   4.413   1.00 46.22 ? 5   DG  B "C1'" 1 
ATOM   313 N  N9    . DG  B 1 5  ? 17.573  7.054   4.739   1.00 44.75 ? 5   DG  B N9    1 
ATOM   314 C  C8    . DG  B 1 5  ? 17.336  8.075   3.852   1.00 44.34 ? 5   DG  B C8    1 
ATOM   315 N  N7    . DG  B 1 5  ? 17.108  9.218   4.438   1.00 44.48 ? 5   DG  B N7    1 
ATOM   316 C  C5    . DG  B 1 5  ? 17.185  8.930   5.793   1.00 45.04 ? 5   DG  B C5    1 
ATOM   317 C  C6    . DG  B 1 5  ? 17.045  9.780   6.923   1.00 47.08 ? 5   DG  B C6    1 
ATOM   318 O  O6    . DG  B 1 5  ? 16.811  10.995  6.952   1.00 48.56 ? 5   DG  B O6    1 
ATOM   319 N  N1    . DG  B 1 5  ? 17.213  9.080   8.112   1.00 46.66 ? 5   DG  B N1    1 
ATOM   320 C  C2    . DG  B 1 5  ? 17.500  7.742   8.202   1.00 46.45 ? 5   DG  B C2    1 
ATOM   321 N  N2    . DG  B 1 5  ? 17.633  7.252   9.443   1.00 48.82 ? 5   DG  B N2    1 
ATOM   322 N  N3    . DG  B 1 5  ? 17.642  6.943   7.158   1.00 43.99 ? 5   DG  B N3    1 
ATOM   323 C  C4    . DG  B 1 5  ? 17.475  7.600   5.994   1.00 43.69 ? 5   DG  B C4    1 
ATOM   324 P  P     . DC  B 1 6  ? 16.419  1.719   3.168   1.00 51.28 ? 6   DC  B P     1 
ATOM   325 O  OP1   . DC  B 1 6  ? 17.037  0.388   2.877   1.00 47.53 ? 6   DC  B OP1   1 
ATOM   326 O  OP2   . DC  B 1 6  ? 15.492  2.333   2.166   1.00 49.22 ? 6   DC  B OP2   1 
ATOM   327 O  "O5'" . DC  B 1 6  ? 15.655  1.672   4.558   1.00 45.91 ? 6   DC  B "O5'" 1 
ATOM   328 C  "C5'" . DC  B 1 6  ? 16.393  1.718   5.764   1.00 45.65 ? 6   DC  B "C5'" 1 
ATOM   329 C  "C4'" . DC  B 1 6  ? 15.597  2.473   6.798   1.00 46.42 ? 6   DC  B "C4'" 1 
ATOM   330 O  "O4'" . DC  B 1 6  ? 15.727  3.900   6.643   1.00 45.79 ? 6   DC  B "O4'" 1 
ATOM   331 C  "C3'" . DC  B 1 6  ? 14.095  2.235   6.774   1.00 45.29 ? 6   DC  B "C3'" 1 
ATOM   332 O  "O3'" . DC  B 1 6  ? 13.832  1.003   7.451   1.00 46.25 ? 6   DC  B "O3'" 1 
ATOM   333 C  "C2'" . DC  B 1 6  ? 13.559  3.475   7.477   1.00 45.75 ? 6   DC  B "C2'" 1 
ATOM   334 C  "C1'" . DC  B 1 6  ? 14.744  4.453   7.503   1.00 45.53 ? 6   DC  B "C1'" 1 
ATOM   335 N  N1    . DC  B 1 6  ? 14.440  5.812   7.033   1.00 45.00 ? 6   DC  B N1    1 
ATOM   336 C  C2    . DC  B 1 6  ? 14.426  6.874   7.948   1.00 44.17 ? 6   DC  B C2    1 
ATOM   337 O  O2    . DC  B 1 6  ? 14.685  6.648   9.142   1.00 41.61 ? 6   DC  B O2    1 
ATOM   338 N  N3    . DC  B 1 6  ? 14.142  8.118   7.507   1.00 45.81 ? 6   DC  B N3    1 
ATOM   339 C  C4    . DC  B 1 6  ? 13.885  8.327   6.213   1.00 45.57 ? 6   DC  B C4    1 
ATOM   340 N  N4    . DC  B 1 6  ? 13.629  9.572   5.821   1.00 46.11 ? 6   DC  B N4    1 
ATOM   341 C  C5    . DC  B 1 6  ? 13.887  7.265   5.264   1.00 45.49 ? 6   DC  B C5    1 
ATOM   342 C  C6    . DC  B 1 6  ? 14.169  6.036   5.713   1.00 45.52 ? 6   DC  B C6    1 
ATOM   343 P  P     . DT  B 1 7  ? 12.456  0.185   7.197   1.00 47.41 ? 7   DT  B P     1 
ATOM   344 O  OP1   . DT  B 1 7  ? 12.809  -1.211  6.809   1.00 46.51 ? 7   DT  B OP1   1 
ATOM   345 O  OP2   . DT  B 1 7  ? 11.557  1.010   6.344   1.00 45.17 ? 7   DT  B OP2   1 
ATOM   346 O  "O5'" . DT  B 1 7  ? 11.773  0.191   8.627   1.00 43.15 ? 7   DT  B "O5'" 1 
ATOM   347 C  "C5'" . DT  B 1 7  ? 11.742  1.420   9.314   1.00 43.29 ? 7   DT  B "C5'" 1 
ATOM   348 C  "C4'" . DT  B 1 7  ? 10.889  1.298   10.542  1.00 44.25 ? 7   DT  B "C4'" 1 
ATOM   349 O  "O4'" . DT  B 1 7  ? 10.573  2.649   10.936  1.00 44.71 ? 7   DT  B "O4'" 1 
ATOM   350 C  "C3'" . DT  B 1 7  ? 9.554   0.612   10.293  1.00 46.64 ? 7   DT  B "C3'" 1 
ATOM   351 O  "O3'" . DT  B 1 7  ? 9.062   -0.061  11.469  1.00 50.99 ? 7   DT  B "O3'" 1 
ATOM   352 C  "C2'" . DT  B 1 7  ? 8.704   1.779   9.837   1.00 46.86 ? 7   DT  B "C2'" 1 
ATOM   353 C  "C1'" . DT  B 1 7  ? 9.198   2.898   10.740  1.00 44.52 ? 7   DT  B "C1'" 1 
ATOM   354 N  N1    . DT  B 1 7  ? 9.063   4.226   10.141  1.00 42.25 ? 7   DT  B N1    1 
ATOM   355 C  C2    . DT  B 1 7  ? 8.332   5.181   10.810  1.00 42.78 ? 7   DT  B C2    1 
ATOM   356 O  O2    . DT  B 1 7  ? 7.824   4.989   11.904  1.00 43.62 ? 7   DT  B O2    1 
ATOM   357 N  N3    . DT  B 1 7  ? 8.225   6.382   10.152  1.00 42.45 ? 7   DT  B N3    1 
ATOM   358 C  C4    . DT  B 1 7  ? 8.758   6.707   8.918   1.00 41.09 ? 7   DT  B C4    1 
ATOM   359 O  O4    . DT  B 1 7  ? 8.571   7.824   8.448   1.00 40.52 ? 7   DT  B O4    1 
ATOM   360 C  C5    . DT  B 1 7  ? 9.496   5.651   8.269   1.00 40.33 ? 7   DT  B C5    1 
ATOM   361 C  C7    . DT  B 1 7  ? 10.100  5.907   6.924   1.00 40.06 ? 7   DT  B C7    1 
ATOM   362 C  C6    . DT  B 1 7  ? 9.606   4.478   8.901   1.00 41.25 ? 7   DT  B C6    1 
ATOM   363 P  P     . DG  B 1 8  ? 7.470   -0.335  11.657  1.00 55.55 ? 8   DG  B P     1 
ATOM   364 O  OP1   . DG  B 1 8  ? 7.289   -1.163  12.875  1.00 53.57 ? 8   DG  B OP1   1 
ATOM   365 O  OP2   . DG  B 1 8  ? 6.937   -0.825  10.354  1.00 54.18 ? 8   DG  B OP2   1 
ATOM   366 O  "O5'" . DG  B 1 8  ? 6.871   1.125   11.918  1.00 53.79 ? 8   DG  B "O5'" 1 
ATOM   367 C  "C5'" . DG  B 1 8  ? 5.537   1.338   12.430  1.00 55.93 ? 8   DG  B "C5'" 1 
ATOM   368 C  "C4'" . DG  B 1 8  ? 4.710   2.231   11.527  1.00 58.41 ? 8   DG  B "C4'" 1 
ATOM   369 O  "O4'" . DG  B 1 8  ? 5.497   2.853   10.467  1.00 58.06 ? 8   DG  B "O4'" 1 
ATOM   370 C  "C3'" . DG  B 1 8  ? 3.564   1.507   10.812  1.00 61.32 ? 8   DG  B "C3'" 1 
ATOM   371 O  "O3'" . DG  B 1 8  ? 2.403   2.320   10.650  1.00 67.95 ? 8   DG  B "O3'" 1 
ATOM   372 C  "C2'" . DG  B 1 8  ? 4.088   1.347   9.401   1.00 58.93 ? 8   DG  B "C2'" 1 
ATOM   373 C  "C1'" . DG  B 1 8  ? 4.786   2.682   9.239   1.00 54.62 ? 8   DG  B "C1'" 1 
ATOM   374 N  N9    . DG  B 1 8  ? 5.728   2.759   8.119   1.00 47.79 ? 8   DG  B N9    1 
ATOM   375 C  C8    . DG  B 1 8  ? 6.392   1.714   7.521   1.00 43.93 ? 8   DG  B C8    1 
ATOM   376 N  N7    . DG  B 1 8  ? 7.134   2.088   6.516   1.00 41.24 ? 8   DG  B N7    1 
ATOM   377 C  C5    . DG  B 1 8  ? 6.915   3.455   6.418   1.00 40.52 ? 8   DG  B C5    1 
ATOM   378 C  C6    . DG  B 1 8  ? 7.456   4.406   5.516   1.00 39.95 ? 8   DG  B C6    1 
ATOM   379 O  O6    . DG  B 1 8  ? 8.270   4.222   4.599   1.00 39.09 ? 8   DG  B O6    1 
ATOM   380 N  N1    . DG  B 1 8  ? 6.968   5.685   5.770   1.00 38.64 ? 8   DG  B N1    1 
ATOM   381 C  C2    . DG  B 1 8  ? 6.089   6.010   6.776   1.00 39.31 ? 8   DG  B C2    1 
ATOM   382 N  N2    . DG  B 1 8  ? 5.742   7.300   6.871   1.00 38.17 ? 8   DG  B N2    1 
ATOM   383 N  N3    . DG  B 1 8  ? 5.575   5.129   7.619   1.00 41.09 ? 8   DG  B N3    1 
ATOM   384 C  C4    . DG  B 1 8  ? 6.035   3.881   7.388   1.00 42.33 ? 8   DG  B C4    1 
HETATM 385 BR BR    . CBR B 1 9  ? 3.162   1.437   6.031   0.73 50.65 ? 9   CBR B BR    1 
HETATM 386 P  P     . CBR B 1 9  ? 1.539   2.704   11.902  1.00 77.30 ? 9   CBR B P     1 
HETATM 387 O  OP1   . CBR B 1 9  ? 1.976   4.090   12.352  1.00 79.77 ? 9   CBR B OP1   1 
HETATM 388 O  OP2   . CBR B 1 9  ? 1.534   1.510   12.835  1.00 75.91 ? 9   CBR B OP2   1 
HETATM 389 O  "O5'" . CBR B 1 9  ? 0.064   2.852   11.295  1.00 73.65 ? 9   CBR B "O5'" 1 
HETATM 390 N  N1    . CBR B 1 9  ? 2.121   5.260   7.234   1.00 56.17 ? 9   CBR B N1    1 
HETATM 391 C  C6    . CBR B 1 9  ? 2.270   3.914   7.225   1.00 52.36 ? 9   CBR B C6    1 
HETATM 392 C  C2    . CBR B 1 9  ? 2.641   6.028   6.135   1.00 52.43 ? 9   CBR B C2    1 
HETATM 393 O  O2    . CBR B 1 9  ? 2.549   7.274   6.067   1.00 50.12 ? 9   CBR B O2    1 
HETATM 394 N  N3    . CBR B 1 9  ? 3.264   5.449   5.095   1.00 49.89 ? 9   CBR B N3    1 
HETATM 395 C  C4    . CBR B 1 9  ? 3.423   4.113   5.068   1.00 51.23 ? 9   CBR B C4    1 
HETATM 396 N  N4    . CBR B 1 9  ? 4.045   3.511   4.024   1.00 52.42 ? 9   CBR B N4    1 
HETATM 397 C  C5    . CBR B 1 9  ? 2.906   3.294   6.169   1.00 50.07 ? 9   CBR B C5    1 
HETATM 398 C  "C2'" . CBR B 1 9  ? 0.038   6.412   8.073   1.00 68.65 ? 9   CBR B "C2'" 1 
HETATM 399 C  "C5'" . CBR B 1 9  ? -0.175  3.390   10.010  1.00 70.81 ? 9   CBR B "C5'" 1 
HETATM 400 C  "C4'" . CBR B 1 9  ? 0.048   4.893   9.980   1.00 69.96 ? 9   CBR B "C4'" 1 
HETATM 401 O  "O4'" . CBR B 1 9  ? 1.394   5.189   9.602   1.00 67.19 ? 9   CBR B "O4'" 1 
HETATM 402 C  "C1'" . CBR B 1 9  ? 1.460   5.962   8.376   1.00 63.07 ? 9   CBR B "C1'" 1 
HETATM 403 C  "C3'" . CBR B 1 9  ? -0.847  5.484   8.902   1.00 73.58 ? 9   CBR B "C3'" 1 
HETATM 404 O  "O3'" . CBR B 1 9  ? -2.028  6.126   9.432   1.00 81.72 ? 9   CBR B "O3'" 1 
ATOM   405 P  P     . DA  B 1 10 ? -3.307  6.385   8.473   1.00 88.60 ? 10  DA  B P     1 
ATOM   406 O  OP1   . DA  B 1 10 ? -4.538  6.245   9.304   1.00 85.21 ? 10  DA  B OP1   1 
ATOM   407 O  OP2   . DA  B 1 10 ? -3.163  5.522   7.257   1.00 84.70 ? 10  DA  B OP2   1 
ATOM   408 O  "O5'" . DA  B 1 10 ? -3.083  7.897   8.012   1.00 81.32 ? 10  DA  B "O5'" 1 
ATOM   409 C  "C5'" . DA  B 1 10 ? -3.695  9.000   8.704   1.00 79.88 ? 10  DA  B "C5'" 1 
ATOM   410 C  "C4'" . DA  B 1 10 ? -4.762  9.610   7.829   1.00 79.48 ? 10  DA  B "C4'" 1 
ATOM   411 O  "O4'" . DA  B 1 10 ? -4.246  9.689   6.480   1.00 76.02 ? 10  DA  B "O4'" 1 
ATOM   412 C  "C3'" . DA  B 1 10 ? -6.054  8.792   7.751   1.00 78.31 ? 10  DA  B "C3'" 1 
ATOM   413 O  "O3'" . DA  B 1 10 ? -7.217  9.521   8.150   1.00 83.25 ? 10  DA  B "O3'" 1 
ATOM   414 C  "C2'" . DA  B 1 10 ? -6.173  8.394   6.291   1.00 75.88 ? 10  DA  B "C2'" 1 
ATOM   415 C  "C1'" . DA  B 1 10 ? -5.261  9.353   5.557   1.00 71.59 ? 10  DA  B "C1'" 1 
ATOM   416 N  N9    . DA  B 1 10 ? -4.611  8.792   4.372   1.00 66.20 ? 10  DA  B N9    1 
ATOM   417 C  C8    . DA  B 1 10 ? -3.847  7.654   4.287   1.00 63.62 ? 10  DA  B C8    1 
ATOM   418 N  N7    . DA  B 1 10 ? -3.385  7.419   3.083   1.00 63.25 ? 10  DA  B N7    1 
ATOM   419 C  C5    . DA  B 1 10 ? -3.866  8.478   2.326   1.00 62.38 ? 10  DA  B C5    1 
ATOM   420 C  C6    . DA  B 1 10 ? -3.716  8.819   0.970   1.00 61.56 ? 10  DA  B C6    1 
ATOM   421 N  N6    . DA  B 1 10 ? -3.017  8.095   0.094   1.00 61.67 ? 10  DA  B N6    1 
ATOM   422 N  N1    . DA  B 1 10 ? -4.325  9.942   0.536   1.00 61.06 ? 10  DA  B N1    1 
ATOM   423 C  C2    . DA  B 1 10 ? -5.025  10.670  1.411   1.00 62.81 ? 10  DA  B C2    1 
ATOM   424 N  N3    . DA  B 1 10 ? -5.236  10.457  2.708   1.00 62.82 ? 10  DA  B N3    1 
ATOM   425 C  C4    . DA  B 1 10 ? -4.621  9.333   3.108   1.00 63.18 ? 10  DA  B C4    1 
ATOM   426 P  P     . DA  B 1 11 ? -8.511  8.703   8.613   1.00 93.02 ? 11  DA  B P     1 
ATOM   427 O  OP1   . DA  B 1 11 ? -8.661  8.867   10.081  1.00 92.55 ? 11  DA  B OP1   1 
ATOM   428 O  OP2   . DA  B 1 11 ? -8.405  7.327   8.053   1.00 94.19 ? 11  DA  B OP2   1 
ATOM   429 O  "O5'" . DA  B 1 11 ? -9.703  9.475   7.888   1.00 88.63 ? 11  DA  B "O5'" 1 
ATOM   430 C  "C5'" . DA  B 1 11 ? -10.543 8.826   6.906   1.00 83.18 ? 11  DA  B "C5'" 1 
ATOM   431 C  "C4'" . DA  B 1 11 ? -10.428 9.544   5.583   1.00 80.01 ? 11  DA  B "C4'" 1 
ATOM   432 O  "O4'" . DA  B 1 11 ? -9.071  9.455   5.093   1.00 76.05 ? 11  DA  B "O4'" 1 
ATOM   433 C  "C3'" . DA  B 1 11 ? -11.309 8.982   4.471   1.00 77.85 ? 11  DA  B "C3'" 1 
ATOM   434 O  "O3'" . DA  B 1 11 ? -12.563 9.671   4.469   1.00 79.04 ? 11  DA  B "O3'" 1 
ATOM   435 C  "C2'" . DA  B 1 11 ? -10.504 9.245   3.207   1.00 74.62 ? 11  DA  B "C2'" 1 
ATOM   436 C  "C1'" . DA  B 1 11 ? -9.050  9.292   3.678   1.00 70.11 ? 11  DA  B "C1'" 1 
ATOM   437 N  N9    . DA  B 1 11 ? -8.257  8.099   3.378   1.00 62.49 ? 11  DA  B N9    1 
ATOM   438 C  C8    . DA  B 1 11 ? -7.986  7.034   4.203   1.00 58.86 ? 11  DA  B C8    1 
ATOM   439 N  N7    . DA  B 1 11 ? -7.220  6.123   3.654   1.00 55.88 ? 11  DA  B N7    1 
ATOM   440 C  C5    . DA  B 1 11 ? -6.987  6.608   2.375   1.00 54.77 ? 11  DA  B C5    1 
ATOM   441 C  C6    . DA  B 1 11 ? -6.261  6.096   1.288   1.00 53.02 ? 11  DA  B C6    1 
ATOM   442 N  N6    . DA  B 1 11 ? -5.603  4.937   1.323   1.00 52.17 ? 11  DA  B N6    1 
ATOM   443 N  N1    . DA  B 1 11 ? -6.223  6.828   0.153   1.00 55.06 ? 11  DA  B N1    1 
ATOM   444 C  C2    . DA  B 1 11 ? -6.871  8.000   0.127   1.00 57.16 ? 11  DA  B C2    1 
ATOM   445 N  N3    . DA  B 1 11 ? -7.594  8.586   1.082   1.00 59.12 ? 11  DA  B N3    1 
ATOM   446 C  C4    . DA  B 1 11 ? -7.613  7.828   2.193   1.00 58.80 ? 11  DA  B C4    1 
HETATM 447 O  O     . HOH C 2 .  ? -18.162 3.776   -13.910 1.00 41.54 ? 101 HOH A O     1 
HETATM 448 O  O     . HOH C 2 .  ? -0.324  -11.325 0.805   1.00 20.65 ? 102 HOH A O     1 
HETATM 449 O  O     . HOH D 2 .  ? 11.244  -6.749  -11.519 1.00 17.39 ? 101 HOH B O     1 
HETATM 450 O  O     . HOH D 2 .  ? 20.869  7.512   5.076   1.00 48.37 ? 102 HOH B O     1 
HETATM 451 O  O     . HOH D 2 .  ? 17.014  12.443  3.692   1.00 47.11 ? 103 HOH B O     1 
HETATM 452 O  O     . HOH D 2 .  ? 17.496  11.047  1.494   1.00 59.28 ? 104 HOH B O     1 
HETATM 453 O  O     . HOH D 2 .  ? 14.182  -6.426  -7.979  0.25 31.33 ? 105 HOH B O     1 
# 
